data_2X6K
#
_entry.id   2X6K
#
_cell.length_a   111.440
_cell.length_b   155.680
_cell.length_c   244.000
_cell.angle_alpha   90.00
_cell.angle_beta   90.00
_cell.angle_gamma   90.00
#
_symmetry.space_group_name_H-M   'I 21 21 21'
#
loop_
_entity.id
_entity.type
_entity.pdbx_description
1 polymer 'PHOSPHOTIDYLINOSITOL 3 KINASE 59F'
2 non-polymer 'SULFATE ION'
3 non-polymer "3-(4-MORPHOLIN-4-YLPYRIDO[3',2':4,5]FURO[3,2-D]PYRIMIDIN-2-YL)PHENOL"
#
_entity_poly.entity_id   1
_entity_poly.type   'polypeptide(L)'
_entity_poly.pdbx_seq_one_letter_code
;GSHMDSEIQMENLVERKHHRLARSERSGISDRDAKPTASIRDQLHTIVYRYPPTYVLSSEEQDLVWKFRFYLSSHKKALT
KFLKCINWKLEDEVTQALWMLANWAPMDVEDALELLSPTFTHPQVRKYAVSRLAQAPDEDLLLYLLQLVQALKYEDPRHI
VHLHGCIFPERDVVRSILDDNGSLLDQSSLSDLSATSSGLHASVIPANQRAASVLAAIKSDKSVSPGSAGGSGSGGQGSV
ALPNPSAPATPGSSSLPCDSNSNALMLAEGISFGSVPANLCTFLIQRACTNATLANYFYWYLSIEVEEVESVRKQDERAH
DMYAMVLKMFLKVLENGNFNLRGIFYNLRKQRRFIDELVKLVKLVAKEPGNRNKKTEKFQKLLAEQDMFKVNFTNFEPIP
FPLDPEIYITKIVPMRTSLFKSALMPAKLTFVTSIAHHEYAAIFKHGDDLRQDQLILQMITLMDKLLRRENLDLKLTPYK
VLATSSKHGFLQYVDSCTVAEVLAREGNIHNFFRKHHPCDNGPYGISAEVMDTYIKSCAGYCVITYLLGVGDRHLDNLLL
TTNGKLFHIDFGYILGRDPKPMPPPMKLSKEMVEAMGGISSEHHHEFRKQCYTAYLHLRRHANVMLNLFSLMVDATVPDI
ALEPDKAVKKVEENLQLGLTDEEAVQHLQSLLDVSITAVMPALVEQIHRFTQYWRK
;
_entity_poly.pdbx_strand_id   A,B
#
loop_
_chem_comp.id
_chem_comp.type
_chem_comp.name
_chem_comp.formula
SO4 non-polymer 'SULFATE ION' 'O4 S -2'
X6K non-polymer 3-(4-MORPHOLIN-4-YLPYRIDO[3',2':4,5]FURO[3,2-D]PYRIMIDIN-2-YL)PHENOL 'C19 H16 N4 O3'
#
# COMPACT_ATOMS: atom_id res chain seq x y z
N ALA A 38 -29.96 16.43 14.46
CA ALA A 38 -29.81 17.72 13.73
C ALA A 38 -29.87 17.48 12.22
N SER A 39 -28.93 18.05 11.48
CA SER A 39 -28.71 17.70 10.08
C SER A 39 -27.93 16.41 10.02
N ILE A 40 -27.11 16.14 11.04
CA ILE A 40 -26.20 14.97 11.09
C ILE A 40 -27.02 13.69 11.23
N ARG A 41 -28.19 13.81 11.86
CA ARG A 41 -29.08 12.67 12.14
C ARG A 41 -29.08 11.74 10.92
N ASP A 42 -29.18 12.36 9.74
CA ASP A 42 -29.28 11.68 8.45
C ASP A 42 -27.94 11.02 8.11
N GLN A 43 -26.87 11.62 8.61
CA GLN A 43 -25.49 11.27 8.24
C GLN A 43 -25.17 9.94 8.92
N LEU A 44 -25.74 9.75 10.10
CA LEU A 44 -25.54 8.55 10.88
C LEU A 44 -26.41 7.51 10.19
N HIS A 45 -27.47 7.99 9.55
CA HIS A 45 -28.49 7.16 8.89
C HIS A 45 -28.00 6.79 7.50
N THR A 46 -27.29 7.71 6.84
CA THR A 46 -26.84 7.47 5.46
C THR A 46 -25.86 6.32 5.55
N ILE A 47 -25.19 6.20 6.70
CA ILE A 47 -24.13 5.21 6.88
C ILE A 47 -24.83 3.86 7.12
N VAL A 48 -25.99 3.88 7.78
CA VAL A 48 -26.66 2.64 8.22
C VAL A 48 -27.35 1.99 7.04
N TYR A 49 -27.88 2.80 6.12
CA TYR A 49 -28.72 2.29 5.05
C TYR A 49 -27.79 1.82 3.93
N ARG A 50 -26.61 2.43 3.82
CA ARG A 50 -25.79 2.28 2.62
C ARG A 50 -24.67 1.28 2.85
N TYR A 51 -24.34 1.00 4.11
CA TYR A 51 -23.07 0.31 4.41
C TYR A 51 -23.11 -1.17 4.79
N PRO A 52 -24.02 -1.57 5.67
CA PRO A 52 -24.03 -3.00 5.92
C PRO A 52 -25.12 -3.75 5.18
N PRO A 53 -24.80 -4.96 4.69
CA PRO A 53 -25.70 -5.76 3.87
C PRO A 53 -26.63 -6.65 4.68
N THR A 54 -26.14 -7.03 5.87
CA THR A 54 -26.85 -7.87 6.81
C THR A 54 -26.28 -7.56 8.19
N TYR A 55 -27.04 -6.87 9.05
CA TYR A 55 -26.49 -6.51 10.35
C TYR A 55 -27.21 -6.98 11.60
N VAL A 56 -26.44 -7.73 12.38
CA VAL A 56 -26.70 -7.93 13.80
C VAL A 56 -26.65 -6.53 14.43
N LEU A 57 -25.65 -5.75 14.01
CA LEU A 57 -25.32 -4.41 14.58
C LEU A 57 -26.53 -3.55 14.98
N SER A 58 -27.42 -3.29 14.03
CA SER A 58 -28.59 -2.45 14.31
C SER A 58 -29.32 -2.98 15.55
N SER A 59 -29.32 -2.18 16.61
CA SER A 59 -30.00 -2.52 17.86
C SER A 59 -30.88 -1.35 18.33
N GLU A 60 -30.26 -0.34 18.92
CA GLU A 60 -30.97 0.89 19.30
C GLU A 60 -31.43 1.59 18.06
N GLU A 61 -30.64 1.49 17.00
CA GLU A 61 -30.80 2.26 15.76
C GLU A 61 -32.23 2.11 15.26
N GLN A 62 -32.80 0.93 15.48
CA GLN A 62 -34.11 0.56 14.94
C GLN A 62 -35.15 1.63 15.23
N ASP A 63 -35.06 2.24 16.41
CA ASP A 63 -36.09 3.15 16.92
C ASP A 63 -35.94 4.50 16.22
N LEU A 64 -34.70 4.89 15.94
CA LEU A 64 -34.41 6.20 15.33
C LEU A 64 -34.78 6.10 13.87
N VAL A 65 -34.58 4.91 13.29
CA VAL A 65 -34.93 4.70 11.89
C VAL A 65 -36.43 4.92 11.90
N TRP A 66 -37.10 4.49 12.99
CA TRP A 66 -38.56 4.42 13.05
C TRP A 66 -39.14 5.79 12.97
N LYS A 67 -38.44 6.73 13.58
CA LYS A 67 -38.99 8.04 13.81
C LYS A 67 -38.97 8.76 12.47
N PHE A 68 -38.05 8.36 11.60
CA PHE A 68 -37.70 9.19 10.45
C PHE A 68 -38.26 8.59 9.15
N ARG A 69 -38.61 7.30 9.20
CA ARG A 69 -39.04 6.54 8.03
C ARG A 69 -40.39 7.09 7.61
N PHE A 70 -41.15 7.55 8.62
CA PHE A 70 -42.58 7.87 8.50
C PHE A 70 -42.84 9.05 7.57
N TYR A 71 -41.86 9.95 7.47
CA TYR A 71 -41.99 11.17 6.68
C TYR A 71 -41.24 10.93 5.36
N LEU A 72 -40.10 10.25 5.46
CA LEU A 72 -39.26 9.97 4.30
C LEU A 72 -38.81 8.53 4.20
N SER A 73 -39.10 7.94 3.05
CA SER A 73 -38.53 6.67 2.66
C SER A 73 -37.62 7.01 1.49
N SER A 74 -36.43 7.50 1.83
CA SER A 74 -35.47 8.00 0.84
C SER A 74 -35.31 7.00 -0.29
N HIS A 75 -35.00 5.75 0.07
CA HIS A 75 -34.58 4.78 -0.92
C HIS A 75 -35.04 3.35 -0.78
N LYS A 76 -35.05 2.69 -1.93
CA LYS A 76 -35.22 1.26 -2.11
C LYS A 76 -34.35 0.48 -1.12
N LYS A 77 -33.16 1.01 -0.83
CA LYS A 77 -32.17 0.30 -0.02
C LYS A 77 -32.62 0.43 1.42
N ALA A 78 -33.32 1.52 1.72
CA ALA A 78 -33.72 1.86 3.06
C ALA A 78 -34.74 0.84 3.57
N LEU A 79 -35.55 0.28 2.68
CA LEU A 79 -36.68 -0.59 3.05
C LEU A 79 -36.17 -1.87 3.69
N THR A 80 -35.06 -2.40 3.19
CA THR A 80 -34.54 -3.68 3.67
C THR A 80 -34.16 -3.42 5.13
N LYS A 81 -33.65 -2.22 5.37
CA LYS A 81 -33.04 -1.85 6.64
C LYS A 81 -34.19 -1.67 7.61
N PHE A 82 -35.25 -1.02 7.15
CA PHE A 82 -36.35 -0.64 8.03
C PHE A 82 -37.02 -1.92 8.48
N LEU A 83 -37.05 -2.91 7.59
CA LEU A 83 -37.91 -4.07 7.81
C LEU A 83 -37.46 -4.90 9.01
N LYS A 84 -36.18 -4.83 9.37
CA LYS A 84 -35.54 -5.85 10.21
C LYS A 84 -36.05 -5.97 11.66
N CYS A 85 -36.68 -4.92 12.18
CA CYS A 85 -36.81 -4.72 13.63
C CYS A 85 -38.19 -5.04 14.25
N ILE A 86 -39.20 -5.29 13.44
CA ILE A 86 -40.58 -4.99 13.83
C ILE A 86 -41.50 -6.19 14.03
N ASN A 87 -41.42 -7.15 13.11
CA ASN A 87 -42.52 -8.10 12.88
C ASN A 87 -42.95 -8.99 14.06
N TRP A 88 -42.03 -9.78 14.61
CA TRP A 88 -42.37 -10.62 15.76
C TRP A 88 -43.08 -9.78 16.83
N LYS A 89 -42.41 -8.72 17.26
CA LYS A 89 -42.64 -8.08 18.56
C LYS A 89 -44.08 -7.69 18.84
N LEU A 90 -44.77 -7.13 17.85
CA LEU A 90 -46.21 -6.98 17.99
C LEU A 90 -46.94 -7.46 16.76
N GLU A 91 -48.03 -8.17 17.05
CA GLU A 91 -49.05 -8.52 16.07
C GLU A 91 -49.57 -7.27 15.37
N ASP A 92 -49.59 -6.14 16.08
CA ASP A 92 -50.12 -4.85 15.61
C ASP A 92 -49.01 -4.14 14.83
N GLU A 93 -47.77 -4.30 15.28
CA GLU A 93 -46.61 -3.63 14.70
C GLU A 93 -46.59 -3.98 13.23
N VAL A 94 -46.99 -5.21 12.95
CA VAL A 94 -46.89 -5.79 11.63
C VAL A 94 -47.83 -5.00 10.72
N THR A 95 -48.99 -4.61 11.25
CA THR A 95 -50.03 -3.95 10.44
C THR A 95 -49.58 -2.54 10.07
N GLN A 96 -48.82 -1.90 10.95
CA GLN A 96 -48.38 -0.51 10.75
C GLN A 96 -47.23 -0.53 9.77
N ALA A 97 -46.42 -1.58 9.83
CA ALA A 97 -45.20 -1.67 9.02
C ALA A 97 -45.65 -1.99 7.61
N LEU A 98 -46.77 -2.69 7.49
CA LEU A 98 -47.23 -3.25 6.21
C LEU A 98 -47.73 -2.12 5.33
N TRP A 99 -48.38 -1.13 5.92
CA TRP A 99 -48.94 -0.03 5.14
C TRP A 99 -47.77 0.82 4.70
N MET A 100 -46.74 0.82 5.53
CA MET A 100 -45.56 1.65 5.33
C MET A 100 -44.87 1.09 4.11
N LEU A 101 -44.91 -0.23 4.00
CA LEU A 101 -44.15 -1.00 3.02
C LEU A 101 -44.80 -0.84 1.67
N ALA A 102 -46.12 -0.75 1.66
CA ALA A 102 -46.88 -0.83 0.42
C ALA A 102 -46.73 0.51 -0.28
N ASN A 103 -46.69 1.58 0.52
CA ASN A 103 -46.65 2.93 -0.04
C ASN A 103 -45.21 3.31 -0.22
N TRP A 104 -44.33 2.56 0.44
CA TRP A 104 -42.89 2.76 0.36
C TRP A 104 -42.36 2.61 -1.07
N ALA A 105 -41.39 3.47 -1.41
CA ALA A 105 -40.63 3.40 -2.65
C ALA A 105 -40.15 1.98 -2.94
N PRO A 106 -40.37 1.49 -4.17
CA PRO A 106 -40.23 0.07 -4.46
C PRO A 106 -38.78 -0.43 -4.42
N MET A 107 -38.59 -1.59 -3.79
CA MET A 107 -37.28 -2.18 -3.54
C MET A 107 -36.60 -2.57 -4.83
N ASP A 108 -35.27 -2.44 -4.85
CA ASP A 108 -34.46 -3.01 -5.93
C ASP A 108 -34.48 -4.53 -5.84
N VAL A 109 -34.43 -5.19 -6.99
CA VAL A 109 -34.55 -6.66 -7.08
C VAL A 109 -33.61 -7.43 -6.15
N GLU A 110 -32.36 -6.99 -6.03
CA GLU A 110 -31.33 -7.76 -5.32
C GLU A 110 -31.66 -7.82 -3.87
N ASP A 111 -32.23 -6.73 -3.37
CA ASP A 111 -32.51 -6.57 -1.96
C ASP A 111 -33.63 -7.56 -1.64
N ALA A 112 -34.48 -7.85 -2.62
CA ALA A 112 -35.61 -8.74 -2.46
C ALA A 112 -35.09 -10.11 -2.06
N LEU A 113 -33.92 -10.48 -2.57
CA LEU A 113 -33.36 -11.80 -2.36
C LEU A 113 -33.13 -11.95 -0.86
N GLU A 114 -32.72 -10.86 -0.22
CA GLU A 114 -32.44 -10.88 1.20
C GLU A 114 -33.75 -11.26 1.86
N LEU A 115 -34.86 -10.83 1.27
CA LEU A 115 -36.16 -10.95 1.93
C LEU A 115 -36.61 -12.39 1.89
N LEU A 116 -36.21 -13.10 0.86
CA LEU A 116 -36.73 -14.45 0.65
C LEU A 116 -35.97 -15.32 1.61
N SER A 117 -34.71 -14.93 1.83
CA SER A 117 -33.85 -15.58 2.81
C SER A 117 -34.72 -15.79 4.01
N PRO A 118 -34.54 -16.92 4.71
CA PRO A 118 -35.51 -17.49 5.61
C PRO A 118 -35.94 -16.55 6.72
N THR A 119 -34.99 -15.73 7.19
CA THR A 119 -35.15 -14.95 8.42
C THR A 119 -36.51 -14.26 8.54
N PHE A 120 -36.93 -13.56 7.48
CA PHE A 120 -38.27 -12.96 7.42
C PHE A 120 -39.30 -14.06 7.24
N THR A 121 -40.15 -14.26 8.24
CA THR A 121 -41.11 -15.35 8.19
C THR A 121 -42.39 -14.92 7.50
N HIS A 122 -42.70 -13.62 7.56
CA HIS A 122 -44.02 -13.11 7.19
C HIS A 122 -44.51 -13.47 5.78
N PRO A 123 -45.64 -14.20 5.67
CA PRO A 123 -46.32 -14.48 4.41
C PRO A 123 -46.47 -13.25 3.52
N GLN A 124 -46.57 -12.06 4.10
CA GLN A 124 -46.92 -10.86 3.34
C GLN A 124 -45.67 -10.29 2.70
N VAL A 125 -44.52 -10.49 3.34
CA VAL A 125 -43.26 -9.87 2.88
C VAL A 125 -42.74 -10.71 1.72
N ARG A 126 -42.98 -12.03 1.77
CA ARG A 126 -42.47 -12.95 0.77
C ARG A 126 -43.21 -12.66 -0.51
N LYS A 127 -44.50 -12.36 -0.39
CA LYS A 127 -45.35 -12.02 -1.53
C LYS A 127 -44.79 -10.74 -2.13
N TYR A 128 -44.24 -9.86 -1.29
CA TYR A 128 -43.80 -8.57 -1.76
C TYR A 128 -42.55 -8.85 -2.56
N ALA A 129 -41.72 -9.76 -2.06
CA ALA A 129 -40.39 -10.01 -2.61
C ALA A 129 -40.54 -10.56 -4.01
N VAL A 130 -41.55 -11.41 -4.18
CA VAL A 130 -41.83 -12.10 -5.43
C VAL A 130 -42.37 -11.07 -6.44
N SER A 131 -43.11 -10.09 -5.95
CA SER A 131 -43.78 -9.09 -6.78
C SER A 131 -42.67 -8.25 -7.42
N ARG A 132 -41.57 -8.09 -6.69
CA ARG A 132 -40.45 -7.27 -7.11
C ARG A 132 -39.69 -8.08 -8.15
N LEU A 133 -39.61 -9.39 -7.92
CA LEU A 133 -38.84 -10.29 -8.77
C LEU A 133 -39.53 -10.38 -10.10
N ALA A 134 -40.86 -10.33 -10.08
CA ALA A 134 -41.68 -10.56 -11.26
C ALA A 134 -41.38 -9.44 -12.22
N GLN A 135 -41.07 -8.26 -11.68
CA GLN A 135 -40.88 -7.07 -12.50
C GLN A 135 -39.53 -7.20 -13.22
N ALA A 136 -38.58 -7.82 -12.53
CA ALA A 136 -37.22 -8.05 -13.03
C ALA A 136 -37.19 -8.92 -14.29
N PRO A 137 -36.35 -8.53 -15.28
CA PRO A 137 -36.25 -9.21 -16.58
C PRO A 137 -35.70 -10.62 -16.41
N ASP A 138 -36.07 -11.53 -17.31
CA ASP A 138 -35.70 -12.96 -17.22
C ASP A 138 -34.22 -13.23 -17.09
N GLU A 139 -33.40 -12.48 -17.79
CA GLU A 139 -31.96 -12.79 -17.85
C GLU A 139 -31.34 -12.58 -16.46
N ASP A 140 -31.80 -11.56 -15.75
CA ASP A 140 -31.26 -11.27 -14.44
C ASP A 140 -31.82 -12.41 -13.60
N LEU A 141 -33.07 -12.77 -13.89
CA LEU A 141 -33.84 -13.71 -13.10
C LEU A 141 -33.24 -15.10 -13.17
N LEU A 142 -32.77 -15.51 -14.34
CA LEU A 142 -32.16 -16.82 -14.54
C LEU A 142 -30.85 -16.81 -13.77
N LEU A 143 -30.15 -15.69 -13.83
CA LEU A 143 -28.81 -15.61 -13.25
C LEU A 143 -28.97 -15.96 -11.78
N TYR A 144 -29.99 -15.38 -11.16
CA TYR A 144 -30.22 -15.49 -9.73
C TYR A 144 -30.80 -16.85 -9.40
N LEU A 145 -31.45 -17.45 -10.40
CA LEU A 145 -32.44 -18.51 -10.18
C LEU A 145 -31.85 -19.65 -9.38
N LEU A 146 -30.60 -20.00 -9.62
CA LEU A 146 -29.99 -21.14 -8.94
C LEU A 146 -30.37 -21.02 -7.46
N GLN A 147 -30.37 -19.78 -6.97
CA GLN A 147 -30.64 -19.45 -5.57
C GLN A 147 -32.12 -19.54 -5.29
N LEU A 148 -32.92 -19.20 -6.29
CA LEU A 148 -34.35 -19.17 -6.10
C LEU A 148 -34.81 -20.61 -5.92
N VAL A 149 -34.15 -21.54 -6.62
CA VAL A 149 -34.50 -22.94 -6.54
C VAL A 149 -34.24 -23.28 -5.08
N GLN A 150 -33.20 -22.65 -4.55
CA GLN A 150 -32.76 -22.87 -3.18
C GLN A 150 -33.77 -22.25 -2.24
N ALA A 151 -34.41 -21.18 -2.68
CA ALA A 151 -35.26 -20.37 -1.82
C ALA A 151 -36.46 -21.19 -1.39
N LEU A 152 -36.89 -22.13 -2.22
CA LEU A 152 -38.15 -22.84 -2.01
C LEU A 152 -38.25 -23.42 -0.60
N LYS A 153 -37.14 -23.98 -0.10
CA LYS A 153 -37.14 -24.71 1.17
C LYS A 153 -37.61 -23.75 2.23
N TYR A 154 -37.13 -22.52 2.12
CA TYR A 154 -37.45 -21.49 3.07
C TYR A 154 -38.91 -21.07 3.04
N GLU A 155 -39.48 -20.95 1.84
CA GLU A 155 -40.89 -20.58 1.73
C GLU A 155 -41.77 -21.68 2.27
N ASP A 156 -42.83 -21.28 2.98
CA ASP A 156 -43.69 -22.19 3.75
C ASP A 156 -44.40 -23.30 2.95
N PRO A 157 -44.32 -24.55 3.44
CA PRO A 157 -44.76 -25.77 2.75
C PRO A 157 -46.26 -25.87 2.57
N ARG A 158 -47.02 -25.43 3.57
CA ARG A 158 -48.48 -25.41 3.53
C ARG A 158 -48.98 -24.85 2.19
N HIS A 159 -48.31 -23.80 1.74
CA HIS A 159 -48.56 -23.16 0.45
C HIS A 159 -48.32 -24.08 -0.76
N ILE A 160 -47.36 -24.99 -0.66
CA ILE A 160 -46.95 -25.83 -1.79
C ILE A 160 -47.90 -27.01 -1.88
N VAL A 161 -48.34 -27.51 -0.72
CA VAL A 161 -49.21 -28.69 -0.69
C VAL A 161 -50.55 -28.22 -1.24
N HIS A 162 -50.85 -26.96 -1.01
CA HIS A 162 -52.14 -26.38 -1.38
C HIS A 162 -52.18 -26.25 -2.89
N LEU A 163 -51.03 -25.94 -3.50
CA LEU A 163 -50.96 -25.72 -4.94
C LEU A 163 -51.07 -27.10 -5.55
N HIS A 164 -50.51 -28.10 -4.88
CA HIS A 164 -50.47 -29.46 -5.40
C HIS A 164 -51.91 -29.94 -5.45
N GLY A 165 -52.66 -29.59 -4.42
CA GLY A 165 -54.04 -30.04 -4.23
C GLY A 165 -54.82 -29.58 -5.44
N CYS A 166 -54.43 -28.42 -5.96
CA CYS A 166 -55.18 -27.74 -7.02
C CYS A 166 -55.17 -28.58 -8.31
N ILE A 167 -54.18 -29.46 -8.47
CA ILE A 167 -53.97 -30.09 -9.79
C ILE A 167 -54.47 -31.55 -9.82
N PHE A 168 -53.78 -32.47 -9.14
CA PHE A 168 -54.11 -33.91 -9.26
C PHE A 168 -55.50 -34.27 -8.70
N PRO A 169 -55.79 -33.92 -7.43
CA PRO A 169 -57.16 -34.16 -6.96
C PRO A 169 -58.15 -33.14 -7.54
N ALA A 278 -46.72 -19.84 -1.08
CA ALA A 278 -47.73 -19.65 -2.11
C ALA A 278 -47.10 -18.99 -3.34
N ASN A 279 -47.08 -17.65 -3.36
CA ASN A 279 -46.80 -16.94 -4.58
C ASN A 279 -45.48 -17.31 -5.27
N LEU A 280 -44.35 -17.30 -4.57
CA LEU A 280 -43.05 -17.59 -5.23
C LEU A 280 -43.04 -18.86 -6.07
N CYS A 281 -43.59 -19.96 -5.56
CA CYS A 281 -43.44 -21.22 -6.27
C CYS A 281 -44.26 -21.13 -7.54
N THR A 282 -45.43 -20.50 -7.43
CA THR A 282 -46.38 -20.37 -8.52
C THR A 282 -45.66 -19.55 -9.57
N PHE A 283 -44.83 -18.63 -9.10
CA PHE A 283 -44.20 -17.61 -9.92
C PHE A 283 -43.07 -18.26 -10.72
N LEU A 284 -42.37 -19.20 -10.12
CA LEU A 284 -41.21 -19.79 -10.79
C LEU A 284 -41.75 -20.67 -11.89
N ILE A 285 -42.87 -21.36 -11.64
CA ILE A 285 -43.36 -22.30 -12.63
C ILE A 285 -43.90 -21.50 -13.79
N GLN A 286 -44.55 -20.38 -13.47
CA GLN A 286 -45.29 -19.64 -14.48
C GLN A 286 -44.29 -19.02 -15.43
N ARG A 287 -43.19 -18.49 -14.87
CA ARG A 287 -42.21 -17.75 -15.66
C ARG A 287 -41.39 -18.76 -16.44
N ALA A 288 -41.21 -19.94 -15.84
CA ALA A 288 -40.40 -21.01 -16.43
C ALA A 288 -41.05 -21.39 -17.74
N CYS A 289 -42.38 -21.34 -17.76
CA CYS A 289 -43.18 -21.75 -18.91
C CYS A 289 -43.11 -20.65 -19.97
N THR A 290 -42.83 -19.43 -19.51
CA THR A 290 -42.83 -18.26 -20.39
C THR A 290 -41.57 -18.31 -21.26
N ASN A 291 -40.45 -18.76 -20.68
CA ASN A 291 -39.19 -18.84 -21.41
C ASN A 291 -38.58 -20.23 -21.31
N ALA A 292 -38.30 -20.82 -22.48
CA ALA A 292 -37.73 -22.17 -22.63
C ALA A 292 -36.39 -22.39 -21.92
N THR A 293 -35.48 -21.43 -21.94
CA THR A 293 -34.15 -21.64 -21.33
C THR A 293 -34.38 -21.73 -19.84
N LEU A 294 -35.28 -20.90 -19.34
CA LEU A 294 -35.55 -20.82 -17.91
C LEU A 294 -36.14 -22.13 -17.50
N ALA A 295 -36.98 -22.70 -18.36
CA ALA A 295 -37.67 -23.94 -18.04
C ALA A 295 -36.58 -24.99 -17.89
N ASN A 296 -35.61 -24.92 -18.77
CA ASN A 296 -34.60 -25.96 -18.90
C ASN A 296 -33.74 -25.94 -17.66
N TYR A 297 -33.43 -24.75 -17.16
CA TYR A 297 -32.46 -24.62 -16.09
C TYR A 297 -33.16 -24.99 -14.82
N PHE A 298 -34.45 -24.65 -14.79
CA PHE A 298 -35.28 -24.81 -13.62
C PHE A 298 -35.41 -26.32 -13.49
N TYR A 299 -35.58 -27.00 -14.61
CA TYR A 299 -35.82 -28.43 -14.57
C TYR A 299 -34.61 -29.11 -13.99
N TRP A 300 -33.44 -28.69 -14.45
CA TRP A 300 -32.22 -29.39 -14.16
C TRP A 300 -31.85 -29.20 -12.72
N TYR A 301 -32.10 -28.01 -12.20
CA TYR A 301 -31.77 -27.67 -10.82
C TYR A 301 -32.65 -28.52 -9.93
N LEU A 302 -33.90 -28.71 -10.34
CA LEU A 302 -34.88 -29.44 -9.54
C LEU A 302 -34.47 -30.89 -9.58
N SER A 303 -34.14 -31.39 -10.77
CA SER A 303 -33.85 -32.81 -10.91
C SER A 303 -32.70 -33.15 -9.98
N ILE A 304 -31.70 -32.28 -9.86
CA ILE A 304 -30.50 -32.63 -9.12
C ILE A 304 -30.91 -32.74 -7.67
N GLU A 305 -31.84 -31.88 -7.26
CA GLU A 305 -32.19 -31.76 -5.86
C GLU A 305 -33.19 -32.85 -5.55
N VAL A 306 -33.95 -33.23 -6.58
CA VAL A 306 -35.05 -34.19 -6.45
C VAL A 306 -34.44 -35.56 -6.47
N GLU A 307 -33.57 -35.80 -7.47
CA GLU A 307 -32.76 -37.02 -7.50
C GLU A 307 -32.29 -37.20 -6.07
N GLU A 308 -32.49 -38.39 -5.55
CA GLU A 308 -32.22 -38.56 -4.15
C GLU A 308 -30.90 -39.28 -3.93
N VAL A 309 -30.34 -39.02 -2.76
CA VAL A 309 -29.24 -39.80 -2.22
C VAL A 309 -29.82 -41.07 -1.57
N GLU A 310 -31.11 -40.98 -1.18
CA GLU A 310 -31.80 -41.93 -0.30
C GLU A 310 -31.07 -42.18 1.02
N SER A 311 -29.87 -41.58 1.15
CA SER A 311 -29.12 -41.57 2.40
C SER A 311 -29.41 -40.25 3.12
N VAL A 312 -30.70 -40.02 3.33
CA VAL A 312 -31.19 -38.77 3.85
C VAL A 312 -31.44 -38.88 5.36
N ARG A 313 -31.08 -37.80 6.06
CA ARG A 313 -31.21 -37.70 7.50
C ARG A 313 -32.06 -36.47 7.80
N LYS A 314 -33.00 -36.61 8.74
CA LYS A 314 -33.84 -35.51 9.24
C LYS A 314 -34.64 -34.69 8.19
N GLN A 315 -34.34 -33.40 8.08
CA GLN A 315 -35.10 -32.43 7.27
C GLN A 315 -34.79 -32.50 5.77
N ASP A 316 -33.59 -32.99 5.45
CA ASP A 316 -33.23 -33.30 4.07
C ASP A 316 -34.22 -34.33 3.54
N GLU A 317 -34.57 -35.31 4.38
CA GLU A 317 -35.62 -36.30 4.07
C GLU A 317 -36.92 -35.58 3.74
N ARG A 318 -37.15 -34.43 4.39
CA ARG A 318 -38.43 -33.74 4.36
C ARG A 318 -38.46 -32.84 3.14
N ALA A 319 -37.29 -32.35 2.76
CA ALA A 319 -37.15 -31.30 1.72
C ALA A 319 -37.27 -31.94 0.34
N HIS A 320 -36.81 -33.18 0.23
CA HIS A 320 -36.75 -33.89 -1.05
C HIS A 320 -38.18 -34.04 -1.53
N ASP A 321 -39.10 -34.34 -0.61
CA ASP A 321 -40.49 -34.66 -0.95
C ASP A 321 -41.09 -33.41 -1.51
N MET A 322 -40.63 -32.28 -0.99
CA MET A 322 -41.17 -30.98 -1.33
C MET A 322 -40.69 -30.68 -2.73
N TYR A 323 -39.42 -30.93 -3.02
CA TYR A 323 -38.82 -30.58 -4.30
C TYR A 323 -39.43 -31.49 -5.35
N ALA A 324 -39.68 -32.73 -4.94
CA ALA A 324 -40.17 -33.77 -5.82
C ALA A 324 -41.55 -33.30 -6.22
N MET A 325 -42.28 -32.71 -5.28
CA MET A 325 -43.66 -32.32 -5.54
C MET A 325 -43.62 -31.19 -6.56
N VAL A 326 -42.63 -30.30 -6.44
CA VAL A 326 -42.57 -29.10 -7.27
C VAL A 326 -42.33 -29.56 -8.69
N LEU A 327 -41.42 -30.52 -8.84
CA LEU A 327 -41.00 -30.96 -10.16
C LEU A 327 -42.20 -31.64 -10.82
N LYS A 328 -42.96 -32.40 -10.04
CA LYS A 328 -44.05 -33.23 -10.55
C LYS A 328 -45.09 -32.27 -11.06
N MET A 329 -45.23 -31.15 -10.35
CA MET A 329 -46.26 -30.19 -10.62
C MET A 329 -45.92 -29.46 -11.92
N PHE A 330 -44.63 -29.14 -12.09
CA PHE A 330 -44.13 -28.37 -13.21
C PHE A 330 -44.31 -29.25 -14.45
N LEU A 331 -44.02 -30.53 -14.29
CA LEU A 331 -44.07 -31.48 -15.40
C LEU A 331 -45.52 -31.71 -15.83
N LYS A 332 -46.44 -31.61 -14.88
CA LYS A 332 -47.87 -31.84 -15.14
C LYS A 332 -48.44 -30.60 -15.84
N VAL A 333 -47.89 -29.42 -15.53
CA VAL A 333 -48.35 -28.13 -16.07
C VAL A 333 -47.93 -28.08 -17.53
N LEU A 334 -46.78 -28.66 -17.83
CA LEU A 334 -46.20 -28.60 -19.16
C LEU A 334 -47.01 -29.52 -20.05
N GLU A 335 -47.33 -30.71 -19.54
CA GLU A 335 -48.05 -31.73 -20.31
C GLU A 335 -49.43 -31.17 -20.55
N ASN A 336 -49.98 -30.50 -19.56
CA ASN A 336 -51.35 -30.06 -19.67
C ASN A 336 -51.40 -28.79 -20.52
N GLY A 337 -50.27 -28.09 -20.76
CA GLY A 337 -50.33 -26.61 -20.90
C GLY A 337 -50.82 -26.16 -22.26
N ASN A 338 -49.98 -25.89 -23.29
CA ASN A 338 -50.74 -25.69 -24.55
C ASN A 338 -49.93 -26.16 -25.69
N PHE A 339 -49.34 -25.25 -26.47
CA PHE A 339 -48.68 -25.72 -27.67
C PHE A 339 -47.26 -25.55 -27.36
N ASN A 340 -47.00 -24.52 -26.59
CA ASN A 340 -45.68 -24.06 -26.39
C ASN A 340 -45.15 -24.79 -25.19
N LEU A 341 -46.05 -25.17 -24.28
CA LEU A 341 -45.62 -25.71 -22.99
C LEU A 341 -45.39 -27.17 -23.27
N ARG A 342 -46.19 -27.71 -24.17
CA ARG A 342 -46.07 -29.11 -24.44
C ARG A 342 -44.71 -29.19 -25.12
N GLY A 343 -44.39 -28.19 -25.94
CA GLY A 343 -43.17 -28.18 -26.74
C GLY A 343 -41.99 -28.27 -25.80
N ILE A 344 -42.07 -27.59 -24.67
CA ILE A 344 -40.97 -27.51 -23.72
C ILE A 344 -40.87 -28.90 -23.13
N PHE A 345 -41.99 -29.56 -22.97
CA PHE A 345 -42.04 -30.80 -22.23
C PHE A 345 -41.39 -31.86 -23.09
N TYR A 346 -41.63 -31.81 -24.40
CA TYR A 346 -41.14 -32.86 -25.30
C TYR A 346 -39.62 -32.73 -25.36
N ASN A 347 -39.12 -31.50 -25.31
CA ASN A 347 -37.71 -31.19 -25.48
C ASN A 347 -36.99 -31.66 -24.26
N LEU A 348 -37.64 -31.57 -23.11
CA LEU A 348 -37.01 -31.94 -21.86
C LEU A 348 -36.91 -33.47 -21.85
N ARG A 349 -37.92 -34.13 -22.41
CA ARG A 349 -38.03 -35.58 -22.36
C ARG A 349 -36.85 -36.12 -23.14
N LYS A 350 -36.49 -35.40 -24.20
CA LYS A 350 -35.43 -35.79 -25.14
C LYS A 350 -34.08 -35.61 -24.46
N GLN A 351 -33.97 -34.57 -23.64
CA GLN A 351 -32.71 -34.20 -23.03
C GLN A 351 -32.43 -35.26 -22.02
N ARG A 352 -33.48 -35.73 -21.37
CA ARG A 352 -33.37 -36.70 -20.28
C ARG A 352 -32.95 -38.03 -20.88
N ARG A 353 -33.49 -38.34 -22.06
CA ARG A 353 -33.35 -39.64 -22.69
C ARG A 353 -31.93 -39.75 -23.19
N PHE A 354 -31.42 -38.62 -23.66
CA PHE A 354 -30.13 -38.57 -24.34
C PHE A 354 -29.03 -38.77 -23.33
N ILE A 355 -29.18 -38.16 -22.16
CA ILE A 355 -28.13 -38.12 -21.15
C ILE A 355 -27.94 -39.53 -20.66
N ASP A 356 -29.04 -40.23 -20.40
CA ASP A 356 -29.02 -41.56 -19.77
C ASP A 356 -28.35 -42.52 -20.71
N GLU A 357 -28.52 -42.28 -22.00
CA GLU A 357 -28.00 -43.11 -23.05
C GLU A 357 -26.51 -42.77 -23.14
N LEU A 358 -26.17 -41.49 -22.99
CA LEU A 358 -24.79 -41.04 -23.06
C LEU A 358 -24.08 -41.66 -21.88
N VAL A 359 -24.77 -41.73 -20.75
CA VAL A 359 -24.18 -42.12 -19.47
C VAL A 359 -23.93 -43.62 -19.52
N LYS A 360 -24.78 -44.37 -20.22
CA LYS A 360 -24.64 -45.83 -20.24
C LYS A 360 -23.31 -46.04 -20.91
N LEU A 361 -23.05 -45.22 -21.93
CA LEU A 361 -21.89 -45.40 -22.78
C LEU A 361 -20.65 -45.10 -21.95
N VAL A 362 -20.72 -44.07 -21.11
CA VAL A 362 -19.55 -43.66 -20.34
C VAL A 362 -19.23 -44.76 -19.34
N LYS A 363 -20.25 -45.42 -18.82
CA LYS A 363 -20.05 -46.41 -17.76
C LYS A 363 -19.41 -47.64 -18.40
N LEU A 364 -19.74 -47.89 -19.66
CA LEU A 364 -19.26 -49.08 -20.37
C LEU A 364 -17.78 -48.87 -20.62
N VAL A 365 -17.41 -47.62 -20.86
CA VAL A 365 -16.04 -47.21 -21.25
C VAL A 365 -15.13 -47.32 -20.05
N ALA A 366 -15.64 -46.98 -18.88
CA ALA A 366 -14.84 -46.90 -17.66
C ALA A 366 -14.60 -48.32 -17.23
N LYS A 367 -15.55 -49.20 -17.54
CA LYS A 367 -15.54 -50.58 -17.04
C LYS A 367 -14.40 -51.32 -17.75
N GLU A 368 -14.27 -51.03 -19.04
CA GLU A 368 -13.20 -51.56 -19.92
C GLU A 368 -11.80 -51.11 -19.49
N PRO A 369 -10.83 -52.06 -19.50
CA PRO A 369 -9.49 -51.82 -18.94
C PRO A 369 -8.49 -51.24 -19.94
N GLY A 370 -7.64 -50.34 -19.45
CA GLY A 370 -6.53 -49.78 -20.24
C GLY A 370 -6.10 -48.44 -19.72
N ASN A 371 -5.00 -47.92 -20.26
CA ASN A 371 -4.59 -46.55 -19.98
C ASN A 371 -5.48 -45.61 -20.78
N ARG A 372 -5.52 -44.34 -20.39
CA ARG A 372 -6.39 -43.31 -21.00
C ARG A 372 -6.61 -43.44 -22.50
N ASN A 373 -5.55 -43.70 -23.26
CA ASN A 373 -5.60 -43.74 -24.73
C ASN A 373 -6.43 -44.90 -25.25
N LYS A 374 -6.40 -46.01 -24.54
CA LYS A 374 -7.06 -47.22 -24.98
C LYS A 374 -8.53 -47.00 -24.70
N LYS A 375 -8.82 -46.31 -23.61
CA LYS A 375 -10.19 -46.08 -23.18
C LYS A 375 -10.84 -45.08 -24.13
N THR A 376 -10.05 -44.12 -24.62
CA THR A 376 -10.57 -43.09 -25.52
C THR A 376 -10.90 -43.79 -26.83
N GLU A 377 -10.13 -44.80 -27.19
CA GLU A 377 -10.28 -45.49 -28.47
C GLU A 377 -11.61 -46.20 -28.42
N LYS A 378 -11.94 -46.68 -27.22
CA LYS A 378 -13.12 -47.49 -26.97
C LYS A 378 -14.31 -46.54 -27.02
N PHE A 379 -14.13 -45.33 -26.53
CA PHE A 379 -15.19 -44.35 -26.41
C PHE A 379 -15.58 -44.01 -27.83
N GLN A 380 -14.59 -43.92 -28.70
CA GLN A 380 -14.78 -43.44 -30.07
C GLN A 380 -15.55 -44.51 -30.77
N LYS A 381 -15.27 -45.77 -30.45
CA LYS A 381 -15.88 -46.86 -31.19
C LYS A 381 -17.34 -46.93 -30.77
N LEU A 382 -17.61 -46.69 -29.50
CA LEU A 382 -18.96 -46.90 -28.97
C LEU A 382 -19.90 -45.88 -29.61
N LEU A 383 -19.42 -44.67 -29.86
CA LEU A 383 -20.26 -43.57 -30.34
C LEU A 383 -20.70 -43.97 -31.73
N ALA A 384 -19.79 -44.58 -32.45
CA ALA A 384 -19.96 -44.79 -33.88
C ALA A 384 -20.82 -46.04 -34.10
N GLU A 385 -20.74 -46.99 -33.16
CA GLU A 385 -21.69 -48.08 -33.10
C GLU A 385 -23.07 -47.44 -33.00
N GLN A 386 -23.81 -47.54 -34.11
CA GLN A 386 -25.17 -47.02 -34.20
C GLN A 386 -26.03 -47.94 -33.36
N ASP A 387 -27.09 -47.38 -32.78
CA ASP A 387 -28.24 -48.18 -32.31
C ASP A 387 -27.81 -49.38 -31.42
N MET A 388 -26.66 -49.22 -30.78
CA MET A 388 -26.31 -50.12 -29.72
C MET A 388 -27.04 -49.51 -28.53
N PHE A 389 -27.44 -48.25 -28.71
CA PHE A 389 -28.12 -47.47 -27.70
C PHE A 389 -29.45 -46.98 -28.23
N LYS A 390 -30.41 -46.77 -27.30
CA LYS A 390 -31.73 -46.21 -27.64
C LYS A 390 -31.63 -44.86 -28.36
N VAL A 391 -30.43 -44.29 -28.40
CA VAL A 391 -30.12 -43.16 -29.28
C VAL A 391 -28.99 -43.54 -30.25
N ASN A 392 -28.94 -42.96 -31.45
CA ASN A 392 -27.79 -43.20 -32.34
C ASN A 392 -26.89 -42.01 -32.29
N PHE A 393 -25.74 -42.15 -31.64
CA PHE A 393 -24.89 -41.00 -31.39
C PHE A 393 -24.36 -40.33 -32.63
N THR A 394 -24.11 -41.10 -33.69
CA THR A 394 -23.54 -40.58 -34.93
C THR A 394 -24.49 -39.60 -35.60
N ASN A 395 -25.80 -39.83 -35.49
CA ASN A 395 -26.76 -38.78 -35.81
C ASN A 395 -27.95 -38.76 -34.82
N PHE A 396 -28.66 -37.65 -34.62
CA PHE A 396 -30.03 -37.81 -34.06
C PHE A 396 -31.12 -36.80 -34.45
N GLU A 397 -32.33 -36.98 -33.95
CA GLU A 397 -33.27 -35.86 -33.83
C GLU A 397 -32.71 -34.80 -32.90
N PRO A 398 -32.78 -33.51 -33.32
CA PRO A 398 -32.18 -32.38 -32.59
C PRO A 398 -32.71 -32.20 -31.18
N ILE A 399 -31.81 -31.88 -30.27
CA ILE A 399 -32.13 -31.73 -28.89
C ILE A 399 -31.50 -30.45 -28.45
N PRO A 400 -32.28 -29.56 -27.79
CA PRO A 400 -31.71 -28.38 -27.18
C PRO A 400 -30.60 -28.75 -26.20
N PHE A 401 -29.40 -28.27 -26.44
CA PHE A 401 -28.30 -28.55 -25.54
C PHE A 401 -28.65 -28.08 -24.12
N PRO A 402 -28.51 -28.97 -23.12
CA PRO A 402 -28.72 -28.58 -21.72
C PRO A 402 -27.85 -27.44 -21.23
N LEU A 403 -26.65 -27.29 -21.78
CA LEU A 403 -25.73 -26.23 -21.35
C LEU A 403 -26.08 -24.88 -21.93
N ASP A 404 -26.49 -24.90 -23.20
CA ASP A 404 -27.06 -23.74 -23.83
C ASP A 404 -28.37 -24.15 -24.49
N PRO A 405 -29.49 -23.90 -23.81
CA PRO A 405 -30.70 -24.28 -24.46
C PRO A 405 -30.86 -23.68 -25.84
N GLU A 406 -30.21 -22.55 -26.11
CA GLU A 406 -30.44 -21.82 -27.36
C GLU A 406 -30.02 -22.58 -28.64
N ILE A 407 -29.09 -23.53 -28.51
CA ILE A 407 -28.63 -24.28 -29.69
C ILE A 407 -28.85 -25.77 -29.56
N TYR A 408 -29.50 -26.34 -30.58
CA TYR A 408 -29.82 -27.75 -30.54
C TYR A 408 -28.57 -28.46 -30.95
N ILE A 409 -28.45 -29.76 -30.75
CA ILE A 409 -27.45 -30.45 -31.55
C ILE A 409 -28.04 -31.49 -32.47
N THR A 410 -27.35 -31.84 -33.53
CA THR A 410 -27.52 -33.20 -34.01
C THR A 410 -26.29 -33.97 -33.57
N LYS A 411 -26.11 -35.20 -34.04
CA LYS A 411 -24.88 -35.99 -33.83
C LYS A 411 -23.70 -35.50 -32.98
N ILE A 412 -23.03 -36.41 -32.29
CA ILE A 412 -21.59 -36.21 -32.02
C ILE A 412 -20.73 -36.62 -33.20
N VAL A 413 -19.50 -36.12 -33.23
CA VAL A 413 -18.43 -36.64 -34.09
C VAL A 413 -17.53 -37.54 -33.24
N PRO A 414 -17.46 -38.84 -33.55
CA PRO A 414 -16.75 -39.78 -32.68
C PRO A 414 -15.24 -39.52 -32.62
N MET A 415 -14.61 -39.34 -33.78
CA MET A 415 -13.17 -39.10 -33.84
C MET A 415 -12.76 -37.77 -33.27
N ARG A 416 -13.66 -36.81 -33.29
CA ARG A 416 -13.36 -35.50 -32.74
C ARG A 416 -13.41 -35.49 -31.21
N THR A 417 -13.46 -36.68 -30.58
CA THR A 417 -13.54 -36.70 -29.11
C THR A 417 -12.20 -37.02 -28.47
N SER A 418 -11.78 -36.21 -27.50
CA SER A 418 -10.60 -36.56 -26.71
C SER A 418 -10.90 -36.88 -25.24
N LEU A 419 -9.89 -37.33 -24.48
CA LEU A 419 -9.99 -37.36 -23.01
C LEU A 419 -8.90 -36.60 -22.27
N PHE A 420 -9.24 -36.15 -21.06
CA PHE A 420 -8.36 -35.28 -20.32
C PHE A 420 -7.44 -35.99 -19.36
N LYS A 421 -6.40 -35.28 -18.93
CA LYS A 421 -5.35 -35.81 -18.07
C LYS A 421 -5.96 -36.11 -16.69
N SER A 422 -6.90 -35.26 -16.30
CA SER A 422 -7.56 -35.31 -15.01
C SER A 422 -8.15 -36.67 -14.62
N ALA A 423 -8.37 -36.84 -13.31
CA ALA A 423 -8.48 -38.13 -12.62
C ALA A 423 -9.59 -39.08 -13.05
N LEU A 424 -10.71 -38.53 -13.49
CA LEU A 424 -11.86 -39.34 -13.91
C LEU A 424 -12.21 -38.82 -15.28
N MET A 425 -11.25 -38.96 -16.19
CA MET A 425 -11.13 -38.10 -17.36
C MET A 425 -12.44 -37.84 -18.02
N PRO A 426 -12.79 -36.55 -18.08
CA PRO A 426 -13.94 -36.04 -18.77
C PRO A 426 -13.74 -36.23 -20.25
N ALA A 427 -14.80 -36.57 -20.98
CA ALA A 427 -14.62 -36.62 -22.40
C ALA A 427 -14.51 -35.16 -22.85
N LYS A 428 -13.94 -34.84 -23.99
CA LYS A 428 -14.46 -33.64 -24.63
C LYS A 428 -15.32 -34.25 -25.71
N LEU A 429 -16.38 -33.61 -26.17
CA LEU A 429 -16.82 -34.03 -27.47
C LEU A 429 -16.85 -32.85 -28.35
N THR A 430 -16.76 -33.03 -29.65
CA THR A 430 -17.32 -32.01 -30.49
C THR A 430 -18.79 -32.36 -30.58
N PHE A 431 -19.64 -31.43 -31.00
CA PHE A 431 -20.91 -31.87 -31.54
C PHE A 431 -21.04 -31.40 -32.97
N VAL A 432 -22.01 -31.88 -33.73
CA VAL A 432 -22.45 -30.95 -34.77
C VAL A 432 -23.41 -30.00 -34.12
N THR A 433 -23.88 -28.98 -34.83
CA THR A 433 -25.07 -28.29 -34.38
C THR A 433 -26.00 -28.10 -35.55
N SER A 434 -27.18 -27.58 -35.27
CA SER A 434 -28.22 -27.51 -36.26
C SER A 434 -27.89 -26.64 -37.47
N ILE A 435 -27.00 -25.65 -37.31
CA ILE A 435 -26.74 -24.70 -38.39
C ILE A 435 -25.30 -24.73 -38.88
N ALA A 436 -25.12 -24.78 -40.21
CA ALA A 436 -23.79 -24.79 -40.87
C ALA A 436 -22.79 -25.68 -40.14
N HIS A 437 -23.35 -26.67 -39.44
CA HIS A 437 -22.62 -27.66 -38.65
C HIS A 437 -21.58 -27.04 -37.71
N HIS A 438 -21.68 -25.72 -37.46
CA HIS A 438 -20.77 -25.05 -36.51
C HIS A 438 -20.64 -26.06 -35.45
N GLU A 439 -19.43 -26.50 -35.17
CA GLU A 439 -19.41 -27.49 -34.17
C GLU A 439 -19.83 -26.79 -32.87
N TYR A 440 -20.15 -27.51 -31.81
CA TYR A 440 -20.00 -26.90 -30.49
C TYR A 440 -19.09 -27.90 -29.81
N ALA A 441 -18.30 -27.60 -28.80
CA ALA A 441 -17.96 -28.77 -27.98
C ALA A 441 -18.37 -28.56 -26.57
N ALA A 442 -18.56 -29.62 -25.80
CA ALA A 442 -18.49 -29.43 -24.36
C ALA A 442 -17.61 -30.44 -23.74
N ILE A 443 -17.32 -30.30 -22.46
CA ILE A 443 -16.79 -31.44 -21.77
C ILE A 443 -17.94 -32.32 -21.30
N PHE A 444 -17.65 -33.55 -20.91
CA PHE A 444 -18.58 -34.29 -20.09
C PHE A 444 -17.81 -35.02 -19.03
N LYS A 445 -18.07 -34.68 -17.79
CA LYS A 445 -17.32 -35.23 -16.69
C LYS A 445 -18.18 -36.19 -15.87
N HIS A 446 -17.74 -37.45 -15.79
CA HIS A 446 -18.49 -38.47 -15.08
C HIS A 446 -18.22 -38.57 -13.59
N GLY A 447 -17.07 -38.07 -13.16
CA GLY A 447 -16.63 -38.24 -11.78
C GLY A 447 -17.42 -37.68 -10.60
N ASP A 448 -17.72 -36.39 -10.59
CA ASP A 448 -18.27 -35.84 -9.36
C ASP A 448 -19.40 -34.80 -9.54
N ASP A 449 -19.92 -34.27 -8.43
CA ASP A 449 -20.99 -33.27 -8.41
C ASP A 449 -20.40 -31.90 -8.65
N LEU A 450 -20.94 -31.17 -9.63
CA LEU A 450 -20.37 -29.85 -9.93
C LEU A 450 -21.22 -28.73 -9.35
N ARG A 451 -22.22 -29.09 -8.53
CA ARG A 451 -23.08 -28.11 -7.87
C ARG A 451 -22.27 -26.94 -7.35
N GLN A 452 -21.09 -27.25 -6.82
CA GLN A 452 -20.21 -26.24 -6.24
C GLN A 452 -19.54 -25.43 -7.35
N ASP A 453 -19.16 -26.12 -8.44
CA ASP A 453 -18.45 -25.47 -9.53
C ASP A 453 -19.41 -24.50 -10.17
N GLN A 454 -20.70 -24.84 -10.17
CA GLN A 454 -21.70 -24.01 -10.85
C GLN A 454 -21.92 -22.77 -10.00
N LEU A 455 -21.84 -22.93 -8.69
CA LEU A 455 -22.09 -21.82 -7.80
C LEU A 455 -20.96 -20.84 -8.01
N ILE A 456 -19.73 -21.35 -8.10
CA ILE A 456 -18.57 -20.44 -8.17
C ILE A 456 -18.60 -19.70 -9.47
N LEU A 457 -19.05 -20.37 -10.53
CA LEU A 457 -19.07 -19.77 -11.84
C LEU A 457 -20.20 -18.78 -11.90
N GLN A 458 -21.29 -19.05 -11.18
CA GLN A 458 -22.41 -18.12 -11.17
C GLN A 458 -21.82 -16.85 -10.58
N MET A 459 -20.93 -17.01 -9.60
CA MET A 459 -20.36 -15.89 -8.87
C MET A 459 -19.54 -15.07 -9.84
N ILE A 460 -18.77 -15.75 -10.69
CA ILE A 460 -17.83 -15.07 -11.55
C ILE A 460 -18.63 -14.44 -12.64
N THR A 461 -19.71 -15.07 -13.07
CA THR A 461 -20.45 -14.58 -14.22
C THR A 461 -21.02 -13.26 -13.78
N LEU A 462 -21.41 -13.21 -12.50
CA LEU A 462 -22.18 -12.09 -11.97
C LEU A 462 -21.21 -10.95 -11.79
N MET A 463 -20.03 -11.27 -11.27
CA MET A 463 -19.06 -10.25 -10.91
C MET A 463 -18.60 -9.59 -12.19
N ASP A 464 -18.39 -10.38 -13.23
CA ASP A 464 -17.94 -9.86 -14.48
C ASP A 464 -19.00 -8.86 -14.90
N LYS A 465 -20.29 -9.22 -14.72
CA LYS A 465 -21.42 -8.40 -15.16
C LYS A 465 -21.37 -7.06 -14.46
N LEU A 466 -21.00 -7.06 -13.19
CA LEU A 466 -21.03 -5.85 -12.38
C LEU A 466 -19.94 -4.93 -12.90
N LEU A 467 -18.82 -5.52 -13.32
CA LEU A 467 -17.63 -4.78 -13.65
C LEU A 467 -17.82 -4.21 -15.03
N ARG A 468 -18.51 -4.94 -15.89
CA ARG A 468 -18.73 -4.50 -17.27
C ARG A 468 -19.72 -3.37 -17.16
N ARG A 469 -20.64 -3.47 -16.19
CA ARG A 469 -21.63 -2.45 -15.89
C ARG A 469 -20.83 -1.22 -15.51
N GLU A 470 -19.75 -1.46 -14.78
CA GLU A 470 -18.90 -0.40 -14.29
C GLU A 470 -18.06 0.13 -15.43
N ASN A 471 -17.89 -0.67 -16.47
CA ASN A 471 -17.05 -0.28 -17.58
C ASN A 471 -15.61 -0.63 -17.28
N LEU A 472 -15.41 -1.35 -16.19
CA LEU A 472 -14.18 -2.11 -15.98
C LEU A 472 -14.44 -3.48 -16.59
N ASP A 473 -13.75 -3.81 -17.67
CA ASP A 473 -13.88 -5.14 -18.29
C ASP A 473 -12.53 -5.83 -18.27
N LEU A 474 -12.42 -6.87 -17.45
CA LEU A 474 -11.20 -7.69 -17.47
C LEU A 474 -11.51 -8.94 -18.28
N LYS A 475 -10.59 -9.41 -19.10
CA LYS A 475 -11.04 -10.32 -20.13
C LYS A 475 -11.35 -11.68 -19.52
N LEU A 476 -12.33 -11.70 -18.63
CA LEU A 476 -12.62 -12.88 -17.82
C LEU A 476 -13.33 -13.91 -18.65
N THR A 477 -13.04 -15.17 -18.38
CA THR A 477 -13.78 -16.25 -19.00
C THR A 477 -14.61 -16.93 -17.91
N PRO A 478 -15.92 -16.80 -18.00
CA PRO A 478 -16.80 -17.42 -17.04
C PRO A 478 -17.65 -18.48 -17.73
N TYR A 479 -17.01 -19.60 -18.10
CA TYR A 479 -17.62 -20.66 -18.89
C TYR A 479 -18.85 -21.25 -18.22
N LYS A 480 -19.84 -21.65 -19.02
CA LYS A 480 -21.06 -22.21 -18.45
C LYS A 480 -20.78 -23.60 -17.94
N VAL A 481 -21.08 -23.85 -16.67
CA VAL A 481 -21.23 -25.23 -16.24
C VAL A 481 -22.71 -25.48 -16.10
N LEU A 482 -23.20 -26.71 -16.26
CA LEU A 482 -24.41 -27.05 -15.53
C LEU A 482 -24.00 -28.26 -14.76
N ALA A 483 -24.64 -28.59 -13.65
CA ALA A 483 -24.52 -29.99 -13.28
C ALA A 483 -25.51 -30.71 -14.13
N THR A 484 -25.30 -31.98 -14.43
CA THR A 484 -26.51 -32.73 -14.66
C THR A 484 -26.96 -33.14 -13.29
N SER A 485 -28.09 -33.82 -13.19
CA SER A 485 -28.29 -34.69 -12.02
C SER A 485 -26.93 -35.28 -11.58
N SER A 486 -26.59 -35.05 -10.32
CA SER A 486 -25.22 -35.06 -9.81
C SER A 486 -24.35 -36.22 -10.20
N LYS A 487 -23.04 -35.95 -10.28
CA LYS A 487 -22.01 -36.90 -10.68
C LYS A 487 -21.91 -37.02 -12.21
N HIS A 488 -22.81 -36.40 -12.94
CA HIS A 488 -22.47 -36.05 -14.31
C HIS A 488 -22.51 -34.54 -14.27
N GLY A 489 -21.86 -33.87 -15.21
CA GLY A 489 -22.28 -32.52 -15.56
C GLY A 489 -21.83 -32.28 -16.97
N PHE A 490 -22.11 -31.11 -17.54
CA PHE A 490 -21.24 -30.72 -18.66
C PHE A 490 -20.39 -29.57 -18.26
N LEU A 491 -19.35 -29.23 -19.02
CA LEU A 491 -18.85 -27.86 -18.95
C LEU A 491 -18.56 -27.35 -20.33
N GLN A 492 -18.86 -26.07 -20.55
CA GLN A 492 -18.58 -25.47 -21.83
C GLN A 492 -17.08 -25.47 -22.00
N TYR A 493 -16.64 -25.63 -23.24
CA TYR A 493 -15.22 -25.68 -23.48
C TYR A 493 -14.79 -24.41 -24.15
N VAL A 494 -13.86 -23.71 -23.48
CA VAL A 494 -13.18 -22.55 -24.04
C VAL A 494 -11.77 -23.01 -24.36
N ASP A 495 -11.29 -22.80 -25.60
CA ASP A 495 -10.05 -23.47 -25.94
C ASP A 495 -8.88 -22.72 -25.41
N SER A 496 -8.12 -23.42 -24.60
CA SER A 496 -7.11 -22.83 -23.80
C SER A 496 -6.10 -23.88 -23.64
N CYS A 497 -4.87 -23.49 -23.34
CA CYS A 497 -3.89 -24.45 -22.91
C CYS A 497 -3.66 -24.21 -21.44
N THR A 498 -3.59 -25.29 -20.66
CA THR A 498 -3.27 -25.16 -19.24
C THR A 498 -1.86 -24.64 -19.13
N VAL A 499 -1.56 -23.79 -18.14
CA VAL A 499 -0.21 -23.19 -17.97
C VAL A 499 0.92 -24.22 -17.96
N ALA A 500 0.70 -25.34 -17.27
CA ALA A 500 1.73 -26.34 -17.11
C ALA A 500 2.09 -26.80 -18.51
N GLU A 501 1.09 -26.93 -19.37
CA GLU A 501 1.26 -27.40 -20.74
C GLU A 501 2.03 -26.34 -21.47
N VAL A 502 1.77 -25.09 -21.14
CA VAL A 502 2.32 -23.97 -21.86
C VAL A 502 3.81 -23.93 -21.53
N LEU A 503 4.12 -24.20 -20.27
CA LEU A 503 5.49 -24.15 -19.78
C LEU A 503 6.31 -25.25 -20.43
N ALA A 504 5.68 -26.38 -20.73
CA ALA A 504 6.43 -27.48 -21.26
C ALA A 504 6.58 -27.21 -22.77
N ARG A 505 5.60 -26.58 -23.42
CA ARG A 505 5.62 -26.53 -24.90
C ARG A 505 6.45 -25.38 -25.46
N GLU A 506 6.36 -24.19 -24.86
CA GLU A 506 7.43 -23.21 -25.02
C GLU A 506 7.98 -23.09 -23.63
N GLY A 507 9.10 -22.38 -23.46
CA GLY A 507 9.82 -22.38 -22.18
C GLY A 507 9.11 -21.65 -21.07
N ASN A 508 8.37 -20.62 -21.45
CA ASN A 508 7.72 -19.72 -20.52
C ASN A 508 6.62 -18.98 -21.26
N ILE A 509 5.70 -18.38 -20.50
CA ILE A 509 4.50 -17.75 -21.08
C ILE A 509 4.77 -16.73 -22.16
N HIS A 510 5.80 -15.92 -22.04
CA HIS A 510 5.98 -14.87 -23.03
C HIS A 510 6.24 -15.52 -24.35
N ASN A 511 7.02 -16.59 -24.31
CA ASN A 511 7.50 -17.25 -25.52
C ASN A 511 6.25 -17.67 -26.25
N PHE A 512 5.21 -17.96 -25.48
CA PHE A 512 4.02 -18.65 -25.96
C PHE A 512 3.07 -17.64 -26.59
N PHE A 513 2.88 -16.49 -25.94
CA PHE A 513 2.00 -15.45 -26.47
C PHE A 513 2.70 -15.00 -27.72
N ARG A 514 4.03 -15.01 -27.68
CA ARG A 514 4.86 -14.45 -28.73
C ARG A 514 4.61 -15.30 -29.97
N LYS A 515 4.40 -16.60 -29.78
CA LYS A 515 4.28 -17.54 -30.89
C LYS A 515 2.98 -17.25 -31.63
N HIS A 516 1.94 -16.86 -30.89
CA HIS A 516 0.60 -16.69 -31.47
C HIS A 516 0.36 -15.26 -31.93
N HIS A 517 1.07 -14.30 -31.34
CA HIS A 517 0.73 -12.90 -31.53
C HIS A 517 1.99 -12.05 -31.49
N PRO A 518 2.74 -12.01 -32.58
CA PRO A 518 3.99 -11.31 -32.42
C PRO A 518 4.07 -10.00 -33.15
N CYS A 519 4.53 -8.99 -32.43
CA CYS A 519 4.70 -7.65 -32.94
C CYS A 519 6.07 -7.20 -32.44
N ASP A 520 6.99 -6.90 -33.35
CA ASP A 520 8.35 -6.53 -32.95
C ASP A 520 8.35 -5.46 -31.88
N ASN A 521 7.54 -4.43 -32.11
CA ASN A 521 7.48 -3.26 -31.25
C ASN A 521 6.64 -3.48 -30.01
N GLY A 522 5.72 -4.44 -30.10
CA GLY A 522 4.95 -4.87 -28.95
C GLY A 522 5.84 -5.26 -27.78
N PRO A 523 5.31 -5.12 -26.57
CA PRO A 523 6.01 -5.15 -25.31
C PRO A 523 7.15 -6.13 -25.28
N TYR A 524 6.81 -7.40 -25.46
CA TYR A 524 7.81 -8.41 -25.33
C TYR A 524 7.85 -9.11 -26.67
N GLY A 525 7.76 -8.27 -27.70
CA GLY A 525 7.60 -8.74 -29.06
C GLY A 525 6.20 -9.30 -29.25
N ILE A 526 5.36 -9.03 -28.25
CA ILE A 526 4.01 -9.55 -28.19
C ILE A 526 3.10 -8.40 -28.45
N SER A 527 2.09 -8.59 -29.29
CA SER A 527 1.12 -7.54 -29.54
C SER A 527 0.59 -7.01 -28.22
N ALA A 528 0.54 -5.69 -28.10
CA ALA A 528 0.18 -5.00 -26.86
C ALA A 528 -1.10 -5.52 -26.26
N GLU A 529 -2.03 -5.91 -27.12
CA GLU A 529 -3.41 -6.17 -26.75
C GLU A 529 -3.37 -7.35 -25.83
N VAL A 530 -2.59 -8.36 -26.21
CA VAL A 530 -2.58 -9.64 -25.50
C VAL A 530 -2.03 -9.42 -24.10
N MET A 531 -1.00 -8.59 -23.98
CA MET A 531 -0.38 -8.42 -22.68
C MET A 531 -1.48 -7.86 -21.85
N ASP A 532 -2.25 -6.95 -22.44
CA ASP A 532 -3.15 -6.15 -21.66
C ASP A 532 -4.25 -7.09 -21.25
N THR A 533 -4.70 -7.95 -22.15
CA THR A 533 -5.85 -8.78 -21.80
C THR A 533 -5.36 -9.68 -20.67
N TYR A 534 -4.08 -10.02 -20.68
CA TYR A 534 -3.56 -10.97 -19.71
C TYR A 534 -3.42 -10.27 -18.36
N ILE A 535 -2.96 -9.02 -18.35
CA ILE A 535 -2.73 -8.33 -17.09
C ILE A 535 -4.08 -8.31 -16.39
N LYS A 536 -5.11 -7.99 -17.18
CA LYS A 536 -6.43 -7.73 -16.65
C LYS A 536 -7.04 -9.04 -16.19
N SER A 537 -6.89 -10.10 -17.00
CA SER A 537 -7.47 -11.41 -16.70
C SER A 537 -6.88 -11.80 -15.39
N CYS A 538 -5.60 -11.48 -15.21
CA CYS A 538 -4.88 -11.89 -14.01
C CYS A 538 -5.45 -11.18 -12.81
N ALA A 539 -5.68 -9.88 -12.95
CA ALA A 539 -6.08 -9.05 -11.83
C ALA A 539 -7.43 -9.54 -11.36
N GLY A 540 -8.32 -9.70 -12.34
CA GLY A 540 -9.72 -10.01 -12.11
C GLY A 540 -9.77 -11.29 -11.34
N TYR A 541 -8.90 -12.22 -11.72
CA TYR A 541 -8.95 -13.53 -11.13
C TYR A 541 -8.37 -13.58 -9.73
N CYS A 542 -7.31 -12.84 -9.40
CA CYS A 542 -6.73 -13.04 -8.06
C CYS A 542 -7.74 -12.46 -7.13
N VAL A 543 -8.34 -11.35 -7.55
CA VAL A 543 -9.20 -10.58 -6.68
C VAL A 543 -10.43 -11.44 -6.42
N ILE A 544 -10.97 -12.06 -7.46
CA ILE A 544 -12.20 -12.81 -7.34
C ILE A 544 -11.89 -14.07 -6.57
N THR A 545 -10.76 -14.69 -6.86
CA THR A 545 -10.38 -15.95 -6.24
C THR A 545 -10.33 -15.65 -4.77
N TYR A 546 -9.85 -14.44 -4.46
CA TYR A 546 -9.50 -14.07 -3.10
C TYR A 546 -10.78 -13.87 -2.32
N LEU A 547 -11.80 -13.32 -2.97
CA LEU A 547 -13.00 -12.97 -2.26
C LEU A 547 -13.65 -14.30 -1.94
N LEU A 548 -13.45 -15.27 -2.82
CA LEU A 548 -14.20 -16.50 -2.76
C LEU A 548 -13.40 -17.55 -2.03
N GLY A 549 -12.19 -17.19 -1.63
CA GLY A 549 -11.29 -18.11 -0.95
C GLY A 549 -11.14 -19.43 -1.69
N VAL A 550 -11.04 -19.37 -3.01
CA VAL A 550 -10.69 -20.57 -3.77
C VAL A 550 -9.28 -20.92 -3.39
N GLY A 551 -9.05 -22.22 -3.26
CA GLY A 551 -7.76 -22.72 -2.84
C GLY A 551 -7.44 -23.95 -3.65
N ASP A 552 -6.23 -24.46 -3.47
CA ASP A 552 -5.79 -25.67 -4.15
C ASP A 552 -5.49 -25.33 -5.61
N ARG A 553 -5.10 -24.08 -5.86
CA ARG A 553 -4.71 -23.71 -7.21
C ARG A 553 -3.32 -24.22 -7.46
N HIS A 554 -3.15 -24.79 -8.65
CA HIS A 554 -1.84 -25.13 -9.17
C HIS A 554 -1.82 -24.97 -10.68
N LEU A 555 -0.67 -25.22 -11.30
CA LEU A 555 -0.47 -25.06 -12.74
C LEU A 555 -1.45 -25.81 -13.64
N ASP A 556 -2.00 -26.93 -13.15
CA ASP A 556 -3.00 -27.73 -13.87
C ASP A 556 -4.30 -26.95 -13.86
N ASN A 557 -4.42 -26.07 -12.86
CA ASN A 557 -5.66 -25.38 -12.52
C ASN A 557 -5.84 -24.05 -13.23
N LEU A 558 -4.75 -23.35 -13.56
CA LEU A 558 -4.93 -22.08 -14.27
C LEU A 558 -4.95 -22.40 -15.73
N LEU A 559 -5.56 -21.62 -16.61
CA LEU A 559 -5.16 -21.85 -18.01
C LEU A 559 -4.84 -20.59 -18.75
N LEU A 560 -4.30 -20.73 -19.97
CA LEU A 560 -4.33 -19.57 -20.87
C LEU A 560 -5.12 -19.73 -22.14
N THR A 561 -5.43 -18.60 -22.74
CA THR A 561 -5.88 -18.51 -24.11
C THR A 561 -4.80 -17.94 -25.02
N THR A 562 -4.94 -18.15 -26.32
CA THR A 562 -4.03 -17.52 -27.26
C THR A 562 -4.22 -16.01 -27.29
N ASN A 563 -5.46 -15.56 -27.05
CA ASN A 563 -5.71 -14.12 -26.85
C ASN A 563 -5.04 -13.56 -25.61
N GLY A 564 -4.48 -14.44 -24.77
CA GLY A 564 -4.01 -13.87 -23.56
C GLY A 564 -4.86 -14.10 -22.34
N LYS A 565 -6.08 -14.66 -22.39
CA LYS A 565 -6.90 -14.27 -21.22
C LYS A 565 -6.25 -15.32 -20.32
N LEU A 566 -6.30 -15.18 -19.01
CA LEU A 566 -6.16 -16.41 -18.26
C LEU A 566 -7.49 -16.82 -17.61
N PHE A 567 -7.68 -18.08 -17.21
CA PHE A 567 -8.69 -18.27 -16.16
C PHE A 567 -8.40 -19.30 -15.09
N HIS A 568 -9.27 -19.43 -14.09
CA HIS A 568 -9.19 -20.64 -13.29
C HIS A 568 -10.15 -21.73 -13.67
N ILE A 569 -10.09 -22.83 -12.91
CA ILE A 569 -10.89 -24.01 -13.16
C ILE A 569 -10.98 -24.92 -11.94
N ASP A 570 -11.88 -25.90 -11.97
CA ASP A 570 -11.87 -27.01 -11.02
C ASP A 570 -11.73 -26.53 -9.59
N PHE A 571 -12.77 -25.90 -9.07
CA PHE A 571 -12.68 -25.39 -7.71
C PHE A 571 -13.38 -26.32 -6.76
N GLY A 572 -12.61 -27.26 -6.22
CA GLY A 572 -13.13 -28.17 -5.21
C GLY A 572 -12.99 -27.50 -3.87
N TYR A 573 -12.08 -26.54 -3.79
CA TYR A 573 -11.83 -25.85 -2.53
C TYR A 573 -12.18 -24.38 -2.56
N ILE A 574 -12.98 -23.98 -1.58
CA ILE A 574 -13.65 -22.69 -1.54
C ILE A 574 -13.64 -22.21 -0.10
N LEU A 575 -13.57 -20.89 0.08
CA LEU A 575 -13.57 -20.31 1.42
C LEU A 575 -12.39 -20.89 2.17
N GLY A 576 -11.28 -21.00 1.46
CA GLY A 576 -10.02 -21.40 2.03
C GLY A 576 -9.82 -22.84 2.46
N ARG A 577 -10.73 -23.77 2.12
CA ARG A 577 -10.34 -25.16 2.25
C ARG A 577 -9.10 -25.25 1.36
N ASP A 578 -8.04 -25.86 1.89
CA ASP A 578 -6.90 -26.18 1.06
C ASP A 578 -6.38 -27.54 1.49
N PRO A 579 -5.81 -28.30 0.54
CA PRO A 579 -5.15 -29.53 0.92
C PRO A 579 -3.86 -29.23 1.67
N LYS A 580 -3.13 -28.20 1.23
CA LYS A 580 -1.95 -27.72 1.95
C LYS A 580 -2.39 -26.93 3.16
N PRO A 581 -1.60 -26.97 4.26
CA PRO A 581 -1.88 -26.21 5.50
C PRO A 581 -1.87 -24.72 5.25
N MET A 582 -1.42 -24.34 4.05
CA MET A 582 -1.12 -22.97 3.76
C MET A 582 -2.03 -22.09 2.86
N PRO A 583 -1.97 -20.79 3.11
CA PRO A 583 -2.13 -19.74 2.12
C PRO A 583 -0.86 -19.94 1.28
N PRO A 584 -0.49 -19.01 0.37
CA PRO A 584 -0.58 -17.59 0.18
C PRO A 584 -1.98 -17.04 0.19
N PRO A 585 -2.14 -15.84 0.78
CA PRO A 585 -3.41 -15.16 0.85
C PRO A 585 -3.84 -14.87 -0.59
N MET A 586 -2.86 -14.68 -1.44
CA MET A 586 -3.08 -14.45 -2.85
C MET A 586 -2.34 -15.48 -3.68
N LYS A 587 -3.03 -16.06 -4.65
CA LYS A 587 -2.47 -17.19 -5.39
C LYS A 587 -1.82 -16.78 -6.71
N LEU A 588 -0.53 -16.45 -6.66
CA LEU A 588 0.23 -16.16 -7.88
C LEU A 588 1.36 -17.15 -8.13
N SER A 589 1.74 -17.33 -9.38
CA SER A 589 2.85 -18.20 -9.70
C SER A 589 3.98 -17.35 -10.26
N LYS A 590 5.20 -17.69 -9.87
CA LYS A 590 6.40 -17.01 -10.35
C LYS A 590 6.34 -16.85 -11.84
N GLU A 591 5.80 -17.85 -12.49
CA GLU A 591 5.82 -18.00 -13.93
C GLU A 591 5.00 -16.87 -14.53
N MET A 592 3.94 -16.50 -13.83
CA MET A 592 2.98 -15.50 -14.27
C MET A 592 3.55 -14.10 -14.00
N VAL A 593 4.32 -13.96 -12.93
CA VAL A 593 4.92 -12.68 -12.50
C VAL A 593 6.00 -12.37 -13.52
N GLU A 594 6.69 -13.41 -13.96
CA GLU A 594 7.78 -13.31 -14.93
C GLU A 594 7.12 -12.90 -16.23
N ALA A 595 5.89 -13.39 -16.43
CA ALA A 595 5.04 -13.18 -17.61
C ALA A 595 4.68 -11.71 -17.71
N MET A 596 4.73 -11.03 -16.56
CA MET A 596 4.38 -9.62 -16.46
C MET A 596 5.67 -8.80 -16.52
N GLY A 597 6.79 -9.49 -16.73
CA GLY A 597 8.09 -8.83 -16.81
C GLY A 597 8.53 -8.28 -15.46
N GLY A 598 8.56 -9.16 -14.45
CA GLY A 598 9.19 -8.83 -13.19
C GLY A 598 8.46 -7.75 -12.41
N ILE A 599 8.93 -7.53 -11.18
CA ILE A 599 8.28 -6.68 -10.18
C ILE A 599 8.09 -5.23 -10.60
N SER A 600 9.10 -4.65 -11.21
CA SER A 600 8.94 -3.35 -11.80
C SER A 600 8.71 -3.60 -13.26
N SER A 601 7.52 -3.24 -13.70
CA SER A 601 7.23 -3.14 -15.09
C SER A 601 6.06 -2.19 -15.02
N GLU A 602 5.89 -1.39 -16.06
CA GLU A 602 4.68 -0.61 -16.29
C GLU A 602 3.50 -1.57 -16.09
N HIS A 603 3.71 -2.80 -16.56
CA HIS A 603 2.67 -3.83 -16.67
C HIS A 603 2.37 -4.50 -15.35
N HIS A 604 3.36 -4.68 -14.49
CA HIS A 604 3.12 -5.47 -13.31
C HIS A 604 2.46 -4.47 -12.42
N HIS A 605 2.97 -3.25 -12.50
CA HIS A 605 2.50 -2.16 -11.67
C HIS A 605 1.05 -1.97 -12.09
N GLU A 606 0.82 -2.16 -13.40
CA GLU A 606 -0.45 -1.93 -14.05
C GLU A 606 -1.38 -3.01 -13.53
N PHE A 607 -0.84 -4.17 -13.28
CA PHE A 607 -1.64 -5.32 -12.89
C PHE A 607 -2.08 -4.96 -11.51
N ARG A 608 -1.19 -4.37 -10.73
CA ARG A 608 -1.46 -4.11 -9.33
C ARG A 608 -2.56 -3.09 -9.27
N LYS A 609 -2.44 -2.05 -10.10
CA LYS A 609 -3.35 -0.90 -10.19
C LYS A 609 -4.76 -1.44 -10.43
N GLN A 610 -4.83 -2.49 -11.22
CA GLN A 610 -6.08 -3.02 -11.72
C GLN A 610 -6.76 -3.75 -10.62
N CYS A 611 -5.98 -4.34 -9.71
CA CYS A 611 -6.55 -5.21 -8.68
C CYS A 611 -7.29 -4.32 -7.74
N TYR A 612 -6.75 -3.13 -7.48
CA TYR A 612 -7.27 -2.28 -6.42
C TYR A 612 -8.59 -1.73 -6.92
N THR A 613 -8.63 -1.34 -8.19
CA THR A 613 -9.84 -0.72 -8.73
C THR A 613 -10.89 -1.81 -8.68
N ALA A 614 -10.48 -3.06 -8.90
CA ALA A 614 -11.40 -4.16 -9.05
C ALA A 614 -11.93 -4.45 -7.67
N TYR A 615 -11.08 -4.27 -6.66
CA TYR A 615 -11.41 -4.65 -5.30
C TYR A 615 -12.44 -3.67 -4.79
N LEU A 616 -12.30 -2.42 -5.19
CA LEU A 616 -13.12 -1.35 -4.65
C LEU A 616 -14.51 -1.47 -5.21
N HIS A 617 -14.64 -1.90 -6.47
CA HIS A 617 -15.93 -1.94 -7.13
C HIS A 617 -16.71 -3.09 -6.58
N LEU A 618 -16.02 -4.17 -6.27
CA LEU A 618 -16.71 -5.34 -5.80
C LEU A 618 -17.14 -5.04 -4.38
N ARG A 619 -16.32 -4.28 -3.64
CA ARG A 619 -16.63 -3.87 -2.28
C ARG A 619 -17.94 -3.11 -2.34
N ARG A 620 -18.11 -2.35 -3.42
CA ARG A 620 -19.24 -1.45 -3.56
C ARG A 620 -20.53 -2.25 -3.75
N HIS A 621 -20.43 -3.45 -4.31
CA HIS A 621 -21.63 -4.14 -4.75
C HIS A 621 -21.88 -5.34 -3.88
N ALA A 622 -21.41 -5.25 -2.64
CA ALA A 622 -21.36 -6.38 -1.72
C ALA A 622 -22.72 -7.04 -1.45
N ASN A 623 -23.72 -6.24 -1.11
CA ASN A 623 -25.04 -6.73 -0.74
C ASN A 623 -25.54 -7.87 -1.62
N VAL A 624 -25.30 -7.79 -2.92
CA VAL A 624 -25.87 -8.73 -3.88
C VAL A 624 -25.24 -10.08 -3.68
N MET A 625 -23.94 -10.10 -3.42
CA MET A 625 -23.18 -11.34 -3.32
C MET A 625 -23.56 -11.97 -2.02
N LEU A 626 -23.80 -11.15 -1.01
CA LEU A 626 -24.01 -11.62 0.33
C LEU A 626 -25.38 -12.25 0.41
N ASN A 627 -26.30 -11.75 -0.40
CA ASN A 627 -27.69 -12.17 -0.35
C ASN A 627 -27.80 -13.51 -1.02
N LEU A 628 -26.96 -13.75 -2.03
CA LEU A 628 -27.02 -15.00 -2.77
C LEU A 628 -26.43 -16.10 -1.89
N PHE A 629 -25.42 -15.78 -1.08
CA PHE A 629 -24.77 -16.77 -0.22
C PHE A 629 -25.70 -17.10 0.92
N SER A 630 -26.45 -16.11 1.39
CA SER A 630 -27.37 -16.32 2.50
C SER A 630 -28.31 -17.40 2.03
N LEU A 631 -28.61 -17.42 0.73
CA LEU A 631 -29.64 -18.29 0.22
C LEU A 631 -29.06 -19.68 0.01
N MET A 632 -27.74 -19.73 0.00
CA MET A 632 -27.00 -20.97 -0.22
C MET A 632 -26.56 -21.67 1.07
N VAL A 633 -27.07 -21.24 2.21
CA VAL A 633 -26.73 -21.85 3.49
C VAL A 633 -27.00 -23.35 3.52
N ASP A 634 -28.21 -23.74 3.13
CA ASP A 634 -28.65 -25.12 3.10
C ASP A 634 -28.34 -25.71 1.71
N ALA A 635 -27.36 -25.10 1.03
CA ALA A 635 -27.10 -25.37 -0.38
C ALA A 635 -26.77 -26.81 -0.76
N THR A 636 -26.18 -27.57 0.16
CA THR A 636 -25.67 -28.94 -0.15
C THR A 636 -24.46 -28.88 -1.10
N VAL A 637 -23.70 -27.80 -0.95
CA VAL A 637 -22.39 -27.64 -1.55
C VAL A 637 -21.39 -27.91 -0.41
N PRO A 638 -20.42 -28.82 -0.64
CA PRO A 638 -19.66 -29.38 0.49
C PRO A 638 -18.92 -28.34 1.32
N ASP A 639 -18.14 -27.49 0.67
CA ASP A 639 -17.42 -26.40 1.34
C ASP A 639 -18.30 -25.56 2.26
N ILE A 640 -19.58 -25.41 1.89
CA ILE A 640 -20.54 -24.63 2.63
C ILE A 640 -20.93 -25.45 3.85
N ALA A 641 -20.96 -26.76 3.72
CA ALA A 641 -21.64 -27.59 4.70
C ALA A 641 -20.91 -27.58 6.03
N LEU A 642 -19.59 -27.77 5.99
CA LEU A 642 -18.78 -27.95 7.21
C LEU A 642 -19.20 -27.04 8.37
N GLU A 643 -19.30 -25.74 8.10
CA GLU A 643 -20.05 -24.85 8.96
C GLU A 643 -20.87 -23.96 8.05
N PRO A 644 -22.17 -24.25 7.92
CA PRO A 644 -22.99 -23.48 6.99
C PRO A 644 -22.96 -22.00 7.30
N ASP A 645 -23.00 -21.64 8.58
CA ASP A 645 -23.09 -20.25 9.03
C ASP A 645 -21.82 -19.47 8.75
N LYS A 646 -20.69 -20.12 8.98
CA LYS A 646 -19.41 -19.49 8.76
C LYS A 646 -19.22 -19.06 7.28
N ALA A 647 -19.78 -19.84 6.35
CA ALA A 647 -19.66 -19.60 4.90
C ALA A 647 -20.03 -18.19 4.45
N VAL A 648 -21.14 -17.68 4.96
CA VAL A 648 -21.64 -16.37 4.57
C VAL A 648 -20.71 -15.37 5.22
N LYS A 649 -20.28 -15.69 6.43
CA LYS A 649 -19.47 -14.78 7.24
C LYS A 649 -18.13 -14.69 6.54
N LYS A 650 -17.72 -15.76 5.87
CA LYS A 650 -16.35 -15.90 5.38
C LYS A 650 -16.13 -15.01 4.16
N VAL A 651 -17.15 -14.87 3.33
CA VAL A 651 -17.03 -14.10 2.10
C VAL A 651 -17.14 -12.65 2.53
N GLU A 652 -17.95 -12.42 3.55
CA GLU A 652 -18.26 -11.08 4.02
C GLU A 652 -16.97 -10.54 4.60
N GLU A 653 -16.15 -11.44 5.14
CA GLU A 653 -15.02 -11.04 5.96
C GLU A 653 -13.90 -10.75 4.98
N ASN A 654 -13.76 -11.61 3.97
CA ASN A 654 -12.70 -11.47 2.96
C ASN A 654 -12.98 -10.18 2.25
N LEU A 655 -14.25 -9.78 2.32
CA LEU A 655 -14.74 -8.68 1.53
C LEU A 655 -14.09 -7.43 2.09
N GLN A 656 -13.97 -7.38 3.42
CA GLN A 656 -13.20 -6.36 4.11
C GLN A 656 -13.95 -5.04 4.23
N LEU A 657 -15.26 -5.17 4.40
CA LEU A 657 -16.17 -4.03 4.35
C LEU A 657 -15.91 -2.92 5.34
N GLY A 658 -15.33 -3.28 6.49
CA GLY A 658 -15.09 -2.31 7.56
C GLY A 658 -14.26 -1.12 7.11
N LEU A 659 -13.17 -1.42 6.42
CA LEU A 659 -12.13 -0.43 6.11
C LEU A 659 -12.60 0.63 5.12
N THR A 660 -12.11 1.86 5.33
CA THR A 660 -12.20 2.88 4.31
C THR A 660 -11.42 2.38 3.10
N ASP A 661 -11.83 2.77 1.91
CA ASP A 661 -11.17 2.40 0.66
C ASP A 661 -9.65 2.52 0.69
N GLU A 662 -9.15 3.58 1.30
CA GLU A 662 -7.71 3.85 1.31
C GLU A 662 -7.07 2.72 2.07
N GLU A 663 -7.75 2.27 3.11
CA GLU A 663 -7.30 1.19 4.00
C GLU A 663 -7.51 -0.16 3.31
N ALA A 664 -8.55 -0.25 2.51
CA ALA A 664 -8.93 -1.49 1.83
C ALA A 664 -7.84 -1.78 0.79
N VAL A 665 -7.39 -0.73 0.10
CA VAL A 665 -6.40 -0.86 -0.95
C VAL A 665 -5.11 -1.21 -0.27
N GLN A 666 -4.84 -0.61 0.88
CA GLN A 666 -3.58 -0.84 1.57
C GLN A 666 -3.58 -2.30 2.01
N HIS A 667 -4.76 -2.80 2.35
CA HIS A 667 -4.93 -4.12 2.93
C HIS A 667 -4.64 -5.14 1.84
N LEU A 668 -5.11 -4.85 0.64
CA LEU A 668 -5.01 -5.78 -0.49
C LEU A 668 -3.57 -5.75 -0.97
N GLN A 669 -2.94 -4.59 -0.91
CA GLN A 669 -1.60 -4.40 -1.44
C GLN A 669 -0.69 -5.31 -0.64
N SER A 670 -0.99 -5.44 0.65
CA SER A 670 -0.13 -6.13 1.61
C SER A 670 -0.13 -7.62 1.25
N LEU A 671 -1.29 -8.15 0.89
CA LEU A 671 -1.48 -9.57 0.67
C LEU A 671 -0.76 -9.92 -0.60
N LEU A 672 -0.83 -9.03 -1.59
CA LEU A 672 -0.22 -9.30 -2.87
C LEU A 672 1.26 -9.37 -2.61
N ASP A 673 1.76 -8.52 -1.71
CA ASP A 673 3.20 -8.38 -1.52
C ASP A 673 3.82 -9.62 -0.91
N VAL A 674 3.14 -10.27 0.04
CA VAL A 674 3.72 -11.45 0.70
C VAL A 674 3.61 -12.57 -0.30
N SER A 675 2.58 -12.54 -1.13
CA SER A 675 2.26 -13.65 -2.00
C SER A 675 3.32 -13.59 -3.06
N ILE A 676 3.69 -12.39 -3.50
CA ILE A 676 4.62 -12.24 -4.60
C ILE A 676 6.04 -12.51 -4.13
N THR A 677 6.39 -12.10 -2.91
CA THR A 677 7.78 -12.25 -2.43
C THR A 677 8.10 -13.74 -2.29
N ALA A 678 7.11 -14.51 -1.88
CA ALA A 678 7.33 -15.89 -1.53
C ALA A 678 7.44 -16.66 -2.83
N VAL A 679 6.97 -16.04 -3.90
CA VAL A 679 6.89 -16.69 -5.20
C VAL A 679 8.10 -16.33 -6.08
N MET A 680 8.74 -15.22 -5.77
CA MET A 680 9.97 -14.85 -6.47
C MET A 680 11.19 -15.23 -5.65
N PRO A 681 12.18 -15.88 -6.29
CA PRO A 681 13.35 -16.40 -5.59
C PRO A 681 14.28 -15.27 -5.15
N ALA A 682 14.40 -14.25 -6.00
CA ALA A 682 15.25 -13.08 -5.78
C ALA A 682 14.81 -12.31 -4.56
N LEU A 683 13.49 -12.28 -4.33
CA LEU A 683 12.87 -11.46 -3.29
C LEU A 683 13.24 -12.09 -1.98
N VAL A 684 13.33 -13.41 -1.97
CA VAL A 684 13.66 -14.17 -0.76
C VAL A 684 15.14 -13.90 -0.43
N GLU A 685 16.01 -13.82 -1.45
CA GLU A 685 17.44 -13.58 -1.24
C GLU A 685 17.55 -12.19 -0.65
N GLN A 686 16.74 -11.27 -1.16
CA GLN A 686 16.81 -9.88 -0.78
C GLN A 686 16.44 -9.84 0.69
N ILE A 687 15.48 -10.65 1.10
CA ILE A 687 15.01 -10.58 2.49
C ILE A 687 16.10 -11.15 3.37
N HIS A 688 16.84 -12.14 2.88
CA HIS A 688 17.86 -12.80 3.68
C HIS A 688 18.97 -11.78 3.93
N ARG A 689 19.24 -10.94 2.94
CA ARG A 689 20.30 -9.92 3.02
C ARG A 689 19.87 -8.96 4.12
N PHE A 690 18.57 -8.75 4.23
CA PHE A 690 18.00 -7.72 5.09
C PHE A 690 18.06 -8.27 6.51
N THR A 691 17.87 -9.57 6.68
CA THR A 691 17.84 -10.20 8.01
C THR A 691 19.27 -10.12 8.51
N GLN A 692 20.21 -10.13 7.56
CA GLN A 692 21.61 -10.33 7.88
C GLN A 692 22.22 -9.00 8.23
N TYR A 693 21.68 -7.91 7.64
CA TYR A 693 22.09 -6.56 8.00
C TYR A 693 22.24 -6.42 9.52
N TRP A 694 21.24 -6.93 10.23
CA TRP A 694 21.16 -6.78 11.67
C TRP A 694 21.90 -7.85 12.42
N ARG A 695 21.85 -9.06 11.86
CA ARG A 695 22.53 -10.23 12.41
C ARG A 695 21.99 -10.55 13.81
N ALA B 38 -8.36 29.27 -19.09
CA ALA B 38 -8.78 30.36 -18.17
C ALA B 38 -9.64 29.85 -17.01
N SER B 39 -10.65 29.04 -17.32
CA SER B 39 -11.57 28.51 -16.30
C SER B 39 -11.01 27.30 -15.54
N ILE B 40 -10.68 26.23 -16.26
CA ILE B 40 -10.17 24.98 -15.64
C ILE B 40 -8.64 24.97 -15.54
N ARG B 41 -7.98 25.59 -16.52
CA ARG B 41 -6.51 25.68 -16.55
C ARG B 41 -5.93 26.31 -15.28
N ASP B 42 -6.74 27.16 -14.65
CA ASP B 42 -6.48 27.69 -13.30
C ASP B 42 -5.95 26.58 -12.41
N GLN B 43 -6.68 25.47 -12.34
CA GLN B 43 -6.32 24.32 -11.50
C GLN B 43 -4.99 23.67 -11.87
N LEU B 44 -4.63 23.71 -13.15
CA LEU B 44 -3.37 23.15 -13.63
C LEU B 44 -2.21 24.06 -13.20
N HIS B 45 -2.47 25.36 -13.19
CA HIS B 45 -1.51 26.33 -12.67
C HIS B 45 -1.26 26.06 -11.18
N THR B 46 -2.33 26.01 -10.39
CA THR B 46 -2.17 25.85 -8.93
C THR B 46 -1.44 24.56 -8.59
N ILE B 47 -1.68 23.50 -9.35
CA ILE B 47 -0.98 22.24 -9.10
C ILE B 47 0.51 22.35 -9.45
N VAL B 48 0.82 23.16 -10.47
CA VAL B 48 2.21 23.39 -10.89
C VAL B 48 2.95 24.29 -9.92
N TYR B 49 2.27 25.30 -9.38
CA TYR B 49 2.90 26.21 -8.44
C TYR B 49 3.11 25.54 -7.06
N ARG B 50 2.15 24.72 -6.62
CA ARG B 50 2.18 24.06 -5.30
C ARG B 50 3.19 22.94 -5.23
N TYR B 51 3.42 22.28 -6.37
CA TYR B 51 4.03 20.94 -6.38
C TYR B 51 5.55 20.85 -6.59
N PRO B 52 6.07 21.36 -7.71
CA PRO B 52 7.49 21.09 -7.93
C PRO B 52 8.48 22.13 -7.39
N PRO B 53 9.65 21.65 -6.95
CA PRO B 53 10.80 22.47 -6.53
C PRO B 53 11.77 22.76 -7.67
N THR B 54 11.89 21.82 -8.60
CA THR B 54 12.70 21.97 -9.82
C THR B 54 11.97 21.29 -10.97
N TYR B 55 11.85 21.97 -12.12
CA TYR B 55 11.15 21.40 -13.27
C TYR B 55 11.89 21.51 -14.59
N VAL B 56 11.97 20.37 -15.26
CA VAL B 56 12.26 20.32 -16.69
C VAL B 56 11.07 20.94 -17.43
N LEU B 57 9.87 20.42 -17.09
CA LEU B 57 8.67 20.50 -17.92
C LEU B 57 8.28 21.89 -18.40
N SER B 58 7.67 21.88 -19.59
CA SER B 58 6.83 22.98 -20.00
C SER B 58 7.64 24.27 -20.09
N SER B 59 8.61 24.24 -21.01
CA SER B 59 9.38 25.42 -21.36
C SER B 59 8.53 26.30 -22.28
N GLU B 60 7.68 25.63 -23.05
CA GLU B 60 6.67 26.32 -23.86
C GLU B 60 5.55 26.78 -22.94
N GLU B 61 5.37 26.04 -21.86
CA GLU B 61 4.40 26.36 -20.84
C GLU B 61 4.92 27.41 -19.87
N GLN B 62 6.24 27.55 -19.80
CA GLN B 62 6.83 28.67 -19.10
C GLN B 62 6.32 29.93 -19.83
N ASP B 63 6.44 29.93 -21.16
CA ASP B 63 5.87 30.99 -22.01
C ASP B 63 4.35 31.10 -21.77
N LEU B 64 3.72 29.97 -21.41
CA LEU B 64 2.31 29.94 -21.02
C LEU B 64 2.10 30.58 -19.66
N VAL B 65 2.96 30.26 -18.71
CA VAL B 65 2.93 30.93 -17.43
C VAL B 65 3.02 32.42 -17.77
N TRP B 66 3.95 32.78 -18.66
CA TRP B 66 4.15 34.15 -19.12
C TRP B 66 2.84 34.80 -19.50
N LYS B 67 2.04 34.11 -20.30
CA LYS B 67 0.78 34.67 -20.77
C LYS B 67 -0.18 34.99 -19.61
N PHE B 68 -0.29 34.10 -18.63
CA PHE B 68 -1.19 34.31 -17.49
C PHE B 68 -0.42 34.78 -16.25
N ARG B 69 0.90 34.92 -16.39
CA ARG B 69 1.83 35.30 -15.30
C ARG B 69 1.51 36.64 -14.68
N PHE B 70 1.59 37.66 -15.52
CA PHE B 70 1.54 39.06 -15.10
C PHE B 70 0.25 39.31 -14.32
N TYR B 71 -0.87 38.88 -14.88
CA TYR B 71 -2.18 39.01 -14.21
C TYR B 71 -2.23 38.16 -12.93
N LEU B 72 -1.77 36.92 -13.00
CA LEU B 72 -1.68 36.11 -11.81
C LEU B 72 -0.29 36.23 -11.20
N SER B 73 0.12 37.47 -10.99
CA SER B 73 1.33 37.80 -10.25
C SER B 73 1.08 37.50 -8.78
N SER B 74 -0.19 37.55 -8.39
CA SER B 74 -0.54 37.78 -7.00
C SER B 74 0.19 36.96 -5.94
N HIS B 75 0.40 35.67 -6.15
CA HIS B 75 0.93 34.86 -5.04
C HIS B 75 2.36 34.30 -5.19
N LYS B 76 3.08 34.34 -4.07
CA LYS B 76 4.55 34.36 -4.01
C LYS B 76 5.27 33.22 -4.71
N LYS B 77 4.82 32.00 -4.45
CA LYS B 77 5.48 30.82 -5.03
C LYS B 77 5.44 30.89 -6.55
N ALA B 78 4.37 31.46 -7.09
CA ALA B 78 4.29 31.71 -8.52
C ALA B 78 5.48 32.55 -8.94
N LEU B 79 5.81 33.58 -8.13
CA LEU B 79 6.91 34.50 -8.47
C LEU B 79 8.18 33.76 -8.80
N THR B 80 8.60 32.87 -7.90
CA THR B 80 9.85 32.14 -8.09
C THR B 80 9.90 31.33 -9.37
N LYS B 81 8.79 30.68 -9.70
CA LYS B 81 8.69 29.88 -10.92
C LYS B 81 8.77 30.81 -12.10
N PHE B 82 8.07 31.94 -11.99
CA PHE B 82 8.02 32.98 -13.01
C PHE B 82 9.44 33.44 -13.31
N LEU B 83 10.20 33.77 -12.28
CA LEU B 83 11.58 34.24 -12.44
C LEU B 83 12.40 33.26 -13.24
N LYS B 84 11.99 31.99 -13.24
CA LYS B 84 12.77 30.92 -13.87
C LYS B 84 12.82 30.95 -15.39
N CYS B 85 11.69 31.24 -16.02
CA CYS B 85 11.57 31.12 -17.46
C CYS B 85 12.16 32.30 -18.23
N ILE B 86 11.89 33.51 -17.72
CA ILE B 86 12.21 34.76 -18.43
C ILE B 86 13.68 34.84 -18.78
N ASN B 87 14.53 34.56 -17.78
CA ASN B 87 15.98 34.63 -17.88
C ASN B 87 16.50 33.79 -19.05
N TRP B 88 15.81 32.67 -19.28
CA TRP B 88 16.14 31.76 -20.37
C TRP B 88 16.30 32.49 -21.72
N LYS B 89 15.30 33.27 -22.12
CA LYS B 89 15.51 34.21 -23.20
C LYS B 89 16.45 35.29 -22.70
N LEU B 90 17.54 35.47 -23.44
CA LEU B 90 18.75 36.13 -22.95
C LEU B 90 18.60 37.58 -22.49
N GLU B 91 17.99 38.44 -23.32
CA GLU B 91 18.24 39.89 -23.21
C GLU B 91 17.13 40.89 -22.81
N ASP B 92 16.06 41.04 -23.58
CA ASP B 92 15.05 42.06 -23.24
C ASP B 92 14.08 41.54 -22.20
N GLU B 93 13.87 40.24 -22.21
CA GLU B 93 13.09 39.54 -21.21
C GLU B 93 13.48 40.01 -19.82
N VAL B 94 14.79 40.08 -19.60
CA VAL B 94 15.37 40.48 -18.32
C VAL B 94 14.76 41.77 -17.78
N THR B 95 14.81 42.84 -18.55
CA THR B 95 14.30 44.15 -18.10
C THR B 95 12.82 44.10 -17.76
N GLN B 96 12.06 43.36 -18.56
CA GLN B 96 10.62 43.22 -18.37
C GLN B 96 10.29 42.43 -17.11
N ALA B 97 11.12 41.43 -16.82
CA ALA B 97 10.93 40.55 -15.69
C ALA B 97 11.31 41.21 -14.36
N LEU B 98 12.33 42.08 -14.43
CA LEU B 98 12.79 42.82 -13.25
C LEU B 98 11.66 43.67 -12.69
N TRP B 99 10.99 44.41 -13.55
CA TRP B 99 9.85 45.22 -13.12
C TRP B 99 8.77 44.32 -12.56
N MET B 100 8.51 43.23 -13.28
CA MET B 100 7.51 42.26 -12.87
C MET B 100 7.78 41.73 -11.47
N LEU B 101 9.04 41.35 -11.24
CA LEU B 101 9.47 40.84 -9.93
C LEU B 101 9.28 41.89 -8.86
N ALA B 102 9.68 43.12 -9.18
CA ALA B 102 9.72 44.21 -8.21
C ALA B 102 8.33 44.50 -7.69
N ASN B 103 7.34 44.44 -8.58
CA ASN B 103 5.95 44.66 -8.20
C ASN B 103 5.34 43.45 -7.49
N TRP B 104 6.00 42.29 -7.60
CA TRP B 104 5.39 41.04 -7.16
C TRP B 104 5.19 40.90 -5.66
N ALA B 105 4.08 40.28 -5.29
CA ALA B 105 3.79 39.86 -3.92
C ALA B 105 5.03 39.25 -3.30
N PRO B 106 5.27 39.51 -2.01
CA PRO B 106 6.60 39.36 -1.46
C PRO B 106 7.03 37.90 -1.39
N MET B 107 8.18 37.59 -2.00
CA MET B 107 8.73 36.24 -1.99
C MET B 107 8.95 35.70 -0.56
N ASP B 108 8.47 34.48 -0.32
CA ASP B 108 8.68 33.82 0.98
C ASP B 108 10.17 33.62 1.19
N VAL B 109 10.55 33.45 2.45
CA VAL B 109 11.95 33.30 2.86
C VAL B 109 12.64 32.09 2.25
N GLU B 110 11.92 30.98 2.15
CA GLU B 110 12.49 29.74 1.65
C GLU B 110 12.73 29.79 0.15
N ASP B 111 11.79 30.37 -0.59
CA ASP B 111 11.95 30.52 -2.02
C ASP B 111 13.26 31.25 -2.32
N ALA B 112 13.61 32.21 -1.45
CA ALA B 112 14.86 32.96 -1.56
C ALA B 112 16.09 32.05 -1.58
N LEU B 113 16.03 30.94 -0.84
CA LEU B 113 17.19 30.04 -0.77
C LEU B 113 17.60 29.53 -2.16
N GLU B 114 16.64 29.48 -3.08
CA GLU B 114 16.93 29.10 -4.45
C GLU B 114 17.78 30.14 -5.18
N LEU B 115 17.65 31.39 -4.76
CA LEU B 115 18.24 32.50 -5.52
C LEU B 115 19.72 32.73 -5.21
N LEU B 116 20.13 32.37 -4.00
CA LEU B 116 21.54 32.44 -3.61
C LEU B 116 22.26 31.34 -4.34
N SER B 117 21.54 30.24 -4.57
CA SER B 117 22.02 29.08 -5.30
C SER B 117 22.50 29.49 -6.69
N PRO B 118 23.42 28.68 -7.25
CA PRO B 118 24.21 29.09 -8.42
C PRO B 118 23.37 29.24 -9.67
N THR B 119 22.30 28.45 -9.75
CA THR B 119 21.48 28.32 -10.95
C THR B 119 20.99 29.67 -11.51
N PHE B 120 20.62 30.60 -10.62
CA PHE B 120 20.35 32.00 -11.00
C PHE B 120 21.62 32.80 -10.82
N THR B 121 22.09 33.39 -11.91
CA THR B 121 23.32 34.16 -11.91
C THR B 121 23.07 35.65 -11.69
N HIS B 122 21.95 36.14 -12.19
CA HIS B 122 21.72 37.59 -12.30
C HIS B 122 21.87 38.35 -10.97
N PRO B 123 22.52 39.53 -11.01
CA PRO B 123 22.90 40.30 -9.81
C PRO B 123 21.75 40.94 -9.02
N GLN B 124 20.77 41.54 -9.69
CA GLN B 124 19.65 42.20 -9.02
C GLN B 124 18.80 41.21 -8.24
N VAL B 125 18.49 40.05 -8.84
CA VAL B 125 17.59 39.08 -8.20
C VAL B 125 18.21 38.58 -6.90
N ARG B 126 19.52 38.44 -6.87
CA ARG B 126 20.21 38.01 -5.67
C ARG B 126 20.05 39.05 -4.56
N LYS B 127 20.18 40.32 -4.91
CA LYS B 127 19.91 41.42 -3.98
C LYS B 127 18.52 41.26 -3.35
N TYR B 128 17.52 40.99 -4.18
CA TYR B 128 16.15 40.84 -3.71
C TYR B 128 15.98 39.63 -2.83
N ALA B 129 16.68 38.55 -3.18
CA ALA B 129 16.71 37.36 -2.36
C ALA B 129 17.30 37.67 -1.00
N VAL B 130 18.30 38.56 -0.98
CA VAL B 130 18.94 38.96 0.27
C VAL B 130 18.01 39.84 1.09
N SER B 131 17.27 40.72 0.41
CA SER B 131 16.31 41.56 1.10
C SER B 131 15.36 40.67 1.86
N ARG B 132 15.04 39.53 1.24
CA ARG B 132 14.09 38.56 1.78
C ARG B 132 14.60 37.88 3.03
N LEU B 133 15.88 37.52 3.03
CA LEU B 133 16.52 36.96 4.21
C LEU B 133 16.54 37.98 5.33
N ALA B 134 16.83 39.23 4.98
CA ALA B 134 16.92 40.32 5.93
C ALA B 134 15.63 40.43 6.73
N GLN B 135 14.51 40.14 6.07
CA GLN B 135 13.19 40.14 6.69
C GLN B 135 13.03 39.04 7.72
N ALA B 136 13.72 37.92 7.49
CA ALA B 136 13.63 36.78 8.40
C ALA B 136 14.34 37.11 9.70
N PRO B 137 13.77 36.64 10.83
CA PRO B 137 14.36 36.79 12.14
C PRO B 137 15.61 35.91 12.24
N ASP B 138 16.31 35.98 13.37
CA ASP B 138 17.65 35.38 13.49
C ASP B 138 17.70 33.85 13.60
N GLU B 139 16.73 33.25 14.28
CA GLU B 139 16.77 31.81 14.50
C GLU B 139 16.70 31.07 13.17
N ASP B 140 15.75 31.47 12.32
CA ASP B 140 15.61 30.93 10.99
C ASP B 140 16.93 31.13 10.30
N LEU B 141 17.51 32.31 10.55
CA LEU B 141 18.76 32.66 9.94
C LEU B 141 19.83 31.63 10.27
N LEU B 142 19.90 31.16 11.52
CA LEU B 142 20.93 30.20 11.93
C LEU B 142 21.00 28.92 11.10
N LEU B 143 19.88 28.21 11.01
CA LEU B 143 19.84 26.99 10.22
C LEU B 143 20.17 27.34 8.79
N TYR B 144 19.45 28.32 8.25
CA TYR B 144 19.71 28.71 6.90
C TYR B 144 21.19 29.05 6.75
N LEU B 145 21.79 29.62 7.81
CA LEU B 145 23.17 30.13 7.78
C LEU B 145 24.21 29.10 7.42
N LEU B 146 24.06 27.90 7.96
CA LEU B 146 25.00 26.83 7.61
C LEU B 146 25.07 26.71 6.08
N GLN B 147 23.91 26.89 5.43
CA GLN B 147 23.79 26.83 3.98
C GLN B 147 24.32 28.09 3.32
N LEU B 148 24.06 29.25 3.92
CA LEU B 148 24.43 30.54 3.33
C LEU B 148 25.93 30.78 3.29
N VAL B 149 26.66 30.21 4.26
CA VAL B 149 28.11 30.22 4.23
C VAL B 149 28.60 29.50 2.97
N GLN B 150 28.12 28.28 2.72
CA GLN B 150 28.41 27.58 1.47
C GLN B 150 27.99 28.51 0.36
N ALA B 151 26.79 29.05 0.48
CA ALA B 151 26.17 29.87 -0.56
C ALA B 151 27.03 31.03 -1.02
N LEU B 152 28.02 31.38 -0.22
CA LEU B 152 28.96 32.44 -0.58
C LEU B 152 29.76 32.04 -1.82
N LYS B 153 30.07 30.74 -1.94
CA LYS B 153 30.88 30.22 -3.05
C LYS B 153 30.35 30.79 -4.34
N TYR B 154 29.03 30.91 -4.40
CA TYR B 154 28.36 31.54 -5.51
C TYR B 154 28.59 33.03 -5.46
N GLU B 155 28.77 33.58 -6.65
CA GLU B 155 29.21 34.94 -6.89
C GLU B 155 28.55 36.02 -6.01
N ASP B 156 29.04 37.26 -6.11
CA ASP B 156 30.10 37.61 -7.07
C ASP B 156 31.43 37.84 -6.37
N PRO B 157 32.51 37.26 -6.92
CA PRO B 157 33.88 37.45 -6.41
C PRO B 157 34.25 38.93 -6.33
N ARG B 158 33.76 39.72 -7.30
CA ARG B 158 34.01 41.15 -7.38
C ARG B 158 33.57 41.90 -6.13
N HIS B 159 32.47 41.46 -5.53
CA HIS B 159 31.92 42.08 -4.31
C HIS B 159 32.87 41.97 -3.15
N ILE B 160 33.38 40.76 -2.95
CA ILE B 160 34.27 40.44 -1.86
C ILE B 160 35.55 41.25 -2.00
N VAL B 161 36.12 41.28 -3.22
CA VAL B 161 37.35 42.03 -3.48
C VAL B 161 37.15 43.54 -3.27
N HIS B 162 35.98 44.04 -3.65
CA HIS B 162 35.61 45.44 -3.43
C HIS B 162 35.62 45.79 -1.95
N LEU B 163 35.01 44.93 -1.14
CA LEU B 163 34.93 45.17 0.29
C LEU B 163 36.32 45.08 0.91
N HIS B 164 37.14 44.16 0.40
CA HIS B 164 38.49 43.95 0.91
C HIS B 164 39.30 45.21 0.74
N GLY B 165 39.26 45.75 -0.48
CA GLY B 165 39.89 47.02 -0.82
C GLY B 165 39.28 48.15 -0.02
N CYS B 166 38.06 47.94 0.47
CA CYS B 166 37.34 48.95 1.22
C CYS B 166 37.81 49.02 2.68
N ILE B 167 38.28 47.89 3.21
CA ILE B 167 38.79 47.85 4.59
C ILE B 167 40.19 48.49 4.68
N PHE B 168 41.00 48.30 3.63
CA PHE B 168 42.34 48.89 3.54
C PHE B 168 42.66 49.39 2.12
N PRO B 169 43.33 50.56 2.01
CA PRO B 169 43.72 51.09 0.69
C PRO B 169 45.23 50.96 0.34
N GLU B 170 45.61 51.41 -0.86
CA GLU B 170 47.01 51.64 -1.29
C GLU B 170 48.00 50.54 -0.90
N ALA B 278 27.71 39.01 -2.11
CA ALA B 278 27.20 40.05 -3.00
C ALA B 278 26.94 41.38 -2.23
N ASN B 279 25.69 41.86 -2.25
CA ASN B 279 25.19 42.68 -1.16
C ASN B 279 25.25 41.71 0.00
N LEU B 280 25.04 40.43 -0.35
CA LEU B 280 24.85 39.34 0.59
C LEU B 280 25.97 39.18 1.62
N CYS B 281 27.21 39.11 1.16
CA CYS B 281 28.34 38.93 2.08
C CYS B 281 28.35 40.04 3.14
N THR B 282 28.28 41.28 2.68
CA THR B 282 28.18 42.43 3.56
C THR B 282 26.99 42.30 4.51
N PHE B 283 25.88 41.75 4.02
CA PHE B 283 24.68 41.58 4.84
C PHE B 283 24.94 40.59 5.94
N LEU B 284 25.61 39.50 5.59
CA LEU B 284 25.89 38.44 6.55
C LEU B 284 26.73 38.98 7.68
N ILE B 285 27.80 39.71 7.33
CA ILE B 285 28.64 40.38 8.32
C ILE B 285 27.79 41.24 9.24
N GLN B 286 27.02 42.16 8.67
CA GLN B 286 26.27 43.13 9.47
C GLN B 286 25.43 42.40 10.51
N ARG B 287 24.69 41.37 10.08
CA ARG B 287 23.81 40.64 10.98
C ARG B 287 24.59 39.69 11.87
N ALA B 288 25.72 39.23 11.38
CA ALA B 288 26.61 38.36 12.16
C ALA B 288 27.17 39.13 13.34
N CYS B 289 27.38 40.44 13.15
CA CYS B 289 27.79 41.33 14.23
C CYS B 289 26.64 41.68 15.17
N THR B 290 25.41 41.69 14.64
CA THR B 290 24.23 42.10 15.43
C THR B 290 23.90 41.14 16.56
N ASN B 291 24.07 39.84 16.31
CA ASN B 291 23.78 38.80 17.31
C ASN B 291 25.03 37.98 17.62
N ALA B 292 25.31 37.82 18.91
CA ALA B 292 26.55 37.20 19.36
C ALA B 292 26.63 35.70 19.10
N THR B 293 25.56 34.96 19.42
CA THR B 293 25.54 33.51 19.18
C THR B 293 25.74 33.28 17.70
N LEU B 294 24.99 34.05 16.91
CA LEU B 294 25.07 34.05 15.45
C LEU B 294 26.49 34.30 14.99
N ALA B 295 27.15 35.26 15.62
CA ALA B 295 28.53 35.61 15.29
C ALA B 295 29.44 34.40 15.48
N ASN B 296 29.22 33.69 16.58
CA ASN B 296 30.03 32.53 16.92
C ASN B 296 29.97 31.44 15.85
N TYR B 297 28.76 31.08 15.43
CA TYR B 297 28.59 30.01 14.44
C TYR B 297 29.15 30.46 13.12
N PHE B 298 28.85 31.69 12.74
CA PHE B 298 29.44 32.24 11.55
C PHE B 298 30.95 32.00 11.61
N TYR B 299 31.59 32.49 12.66
CA TYR B 299 33.05 32.42 12.73
C TYR B 299 33.54 31.00 12.50
N TRP B 300 32.99 30.06 13.25
CA TRP B 300 33.43 28.67 13.23
C TRP B 300 33.27 28.00 11.88
N TYR B 301 32.20 28.35 11.20
CA TYR B 301 31.93 27.83 9.87
C TYR B 301 32.97 28.33 8.91
N LEU B 302 33.43 29.56 9.12
CA LEU B 302 34.42 30.14 8.23
C LEU B 302 35.79 29.53 8.45
N SER B 303 36.15 29.31 9.70
CA SER B 303 37.48 28.78 10.06
C SER B 303 37.68 27.37 9.53
N ILE B 304 36.62 26.57 9.55
CA ILE B 304 36.69 25.24 8.98
C ILE B 304 36.92 25.40 7.48
N GLU B 305 36.17 26.31 6.85
CA GLU B 305 36.23 26.47 5.40
C GLU B 305 37.60 26.87 4.88
N VAL B 306 38.30 27.71 5.65
CA VAL B 306 39.61 28.20 5.23
C VAL B 306 40.71 27.18 5.51
N GLU B 307 40.52 26.36 6.53
CA GLU B 307 41.61 25.61 7.16
C GLU B 307 42.69 25.02 6.21
N GLU B 308 42.29 24.23 5.22
CA GLU B 308 43.29 23.55 4.37
C GLU B 308 43.16 23.70 2.84
N VAL B 309 44.31 23.61 2.15
CA VAL B 309 44.40 23.79 0.70
C VAL B 309 45.01 22.54 0.05
N GLU B 310 44.25 21.93 -0.86
CA GLU B 310 44.73 20.76 -1.61
C GLU B 310 44.21 20.74 -3.05
N ARG B 313 39.76 20.48 -5.92
CA ARG B 313 41.17 20.15 -6.17
C ARG B 313 41.93 21.29 -6.84
N LYS B 314 41.26 21.98 -7.77
CA LYS B 314 41.81 23.16 -8.44
C LYS B 314 41.07 24.45 -8.03
N GLN B 315 39.75 24.45 -8.21
CA GLN B 315 38.90 25.61 -7.89
C GLN B 315 38.43 25.63 -6.44
N ASP B 316 38.70 24.53 -5.73
CA ASP B 316 38.57 24.49 -4.26
C ASP B 316 39.51 25.52 -3.62
N GLU B 317 40.65 25.74 -4.28
CA GLU B 317 41.70 26.66 -3.84
C GLU B 317 41.22 28.11 -3.97
N ARG B 318 40.51 28.38 -5.06
CA ARG B 318 40.02 29.72 -5.37
C ARG B 318 38.84 30.10 -4.48
N ALA B 319 37.97 29.13 -4.22
CA ALA B 319 36.86 29.33 -3.30
C ALA B 319 37.42 29.59 -1.91
N HIS B 320 38.39 28.77 -1.50
CA HIS B 320 39.06 28.94 -0.22
C HIS B 320 39.61 30.36 -0.06
N ASP B 321 40.33 30.85 -1.08
CA ASP B 321 40.98 32.16 -1.03
C ASP B 321 39.96 33.25 -0.75
N MET B 322 38.79 33.08 -1.37
CA MET B 322 37.67 33.99 -1.19
C MET B 322 37.21 33.99 0.26
N TYR B 323 37.12 32.81 0.87
CA TYR B 323 36.64 32.69 2.25
C TYR B 323 37.55 33.41 3.22
N ALA B 324 38.85 33.20 3.04
CA ALA B 324 39.87 33.79 3.91
C ALA B 324 39.70 35.29 4.01
N MET B 325 39.52 35.96 2.88
CA MET B 325 39.36 37.40 2.91
C MET B 325 38.10 37.85 3.63
N VAL B 326 36.99 37.14 3.40
CA VAL B 326 35.71 37.38 4.10
C VAL B 326 35.84 37.23 5.61
N LEU B 327 36.54 36.19 6.04
CA LEU B 327 36.78 35.93 7.46
C LEU B 327 37.61 37.06 8.08
N LYS B 328 38.63 37.51 7.35
CA LYS B 328 39.53 38.55 7.83
C LYS B 328 38.81 39.90 7.95
N MET B 329 37.92 40.17 7.00
CA MET B 329 37.12 41.38 7.04
C MET B 329 36.28 41.34 8.30
N PHE B 330 35.45 40.31 8.40
CA PHE B 330 34.61 40.09 9.57
C PHE B 330 35.36 40.40 10.88
N LEU B 331 36.55 39.83 11.04
CA LEU B 331 37.32 40.03 12.27
C LEU B 331 37.79 41.48 12.43
N LYS B 332 38.19 42.11 11.32
CA LYS B 332 38.68 43.49 11.35
C LYS B 332 37.57 44.48 11.72
N VAL B 333 36.34 44.19 11.27
CA VAL B 333 35.17 45.02 11.59
C VAL B 333 34.86 44.91 13.09
N LEU B 334 35.17 43.75 13.67
CA LEU B 334 34.94 43.55 15.09
C LEU B 334 35.92 44.38 15.90
N GLU B 335 37.16 44.48 15.41
CA GLU B 335 38.22 45.26 16.04
C GLU B 335 37.96 46.77 15.95
N ASN B 336 37.46 47.21 14.80
CA ASN B 336 37.06 48.61 14.58
C ASN B 336 35.79 48.91 15.35
N GLY B 337 35.26 47.89 16.02
CA GLY B 337 33.89 47.92 16.48
C GLY B 337 33.57 48.77 17.69
N ASN B 338 32.32 49.26 17.72
CA ASN B 338 31.77 49.74 18.97
C ASN B 338 31.80 48.62 20.01
N PHE B 339 31.87 49.02 21.28
CA PHE B 339 32.04 48.11 22.41
C PHE B 339 31.53 46.70 22.30
N ASN B 340 30.29 46.52 21.87
CA ASN B 340 29.68 45.20 21.81
C ASN B 340 30.38 44.29 20.80
N LEU B 341 30.77 44.86 19.67
CA LEU B 341 31.52 44.11 18.67
C LEU B 341 32.89 43.72 19.23
N ARG B 342 33.64 44.73 19.71
CA ARG B 342 34.94 44.48 20.36
C ARG B 342 34.82 43.37 21.39
N GLY B 343 33.75 43.40 22.17
CA GLY B 343 33.49 42.42 23.21
C GLY B 343 33.28 41.03 22.66
N ILE B 344 32.51 40.94 21.57
CA ILE B 344 32.25 39.66 20.90
C ILE B 344 33.56 39.12 20.32
N PHE B 345 34.37 40.02 19.77
CA PHE B 345 35.65 39.65 19.19
C PHE B 345 36.54 39.04 20.23
N TYR B 346 36.75 39.74 21.35
CA TYR B 346 37.62 39.24 22.38
C TYR B 346 37.15 37.83 22.74
N ASN B 347 35.83 37.66 22.82
CA ASN B 347 35.22 36.36 23.08
C ASN B 347 35.57 35.31 22.04
N LEU B 348 35.69 35.73 20.78
CA LEU B 348 36.08 34.78 19.75
C LEU B 348 37.54 34.34 19.89
N ARG B 349 38.43 35.30 20.17
CA ARG B 349 39.84 35.02 20.43
C ARG B 349 39.96 34.13 21.65
N LYS B 350 39.16 34.41 22.68
CA LYS B 350 39.07 33.56 23.86
C LYS B 350 38.76 32.13 23.45
N GLN B 351 37.70 31.97 22.65
CA GLN B 351 37.28 30.65 22.20
C GLN B 351 38.41 29.99 21.42
N ARG B 352 38.97 30.72 20.46
CA ARG B 352 40.09 30.22 19.66
C ARG B 352 41.14 29.64 20.59
N ARG B 353 41.74 30.50 21.40
CA ARG B 353 42.77 30.10 22.34
C ARG B 353 42.40 28.82 23.08
N PHE B 354 41.21 28.78 23.66
CA PHE B 354 40.78 27.64 24.45
C PHE B 354 40.91 26.35 23.66
N ILE B 355 40.35 26.36 22.45
CA ILE B 355 40.33 25.18 21.59
C ILE B 355 41.73 24.62 21.39
N ASP B 356 42.67 25.47 21.00
CA ASP B 356 44.02 25.04 20.61
C ASP B 356 44.78 24.43 21.77
N GLU B 357 44.55 24.98 22.95
CA GLU B 357 45.17 24.45 24.16
C GLU B 357 44.59 23.09 24.53
N LEU B 358 43.30 22.90 24.26
CA LEU B 358 42.68 21.59 24.48
C LEU B 358 43.17 20.61 23.42
N VAL B 359 43.40 21.11 22.21
CA VAL B 359 43.88 20.28 21.09
C VAL B 359 45.26 19.72 21.41
N LYS B 360 46.13 20.58 21.96
CA LYS B 360 47.47 20.19 22.39
C LYS B 360 47.38 19.11 23.46
N LEU B 361 46.52 19.31 24.46
CA LEU B 361 46.27 18.31 25.49
C LEU B 361 45.87 16.97 24.87
N VAL B 362 44.87 16.97 24.00
CA VAL B 362 44.40 15.74 23.36
C VAL B 362 45.52 15.04 22.60
N LYS B 363 46.25 15.79 21.77
CA LYS B 363 47.38 15.24 21.02
C LYS B 363 48.35 14.53 21.96
N LEU B 364 48.63 15.14 23.11
CA LEU B 364 49.51 14.57 24.14
C LEU B 364 48.93 13.29 24.72
N VAL B 365 47.60 13.20 24.83
CA VAL B 365 46.95 12.01 25.36
C VAL B 365 46.98 10.87 24.35
N ALA B 366 46.81 11.23 23.07
CA ALA B 366 46.88 10.27 21.99
C ALA B 366 48.28 9.71 21.82
N LYS B 367 49.28 10.59 21.94
CA LYS B 367 50.69 10.22 21.69
C LYS B 367 51.19 9.11 22.60
N GLU B 368 50.71 9.06 23.84
CA GLU B 368 51.04 7.95 24.73
C GLU B 368 50.32 6.67 24.28
N PRO B 369 51.08 5.56 24.12
CA PRO B 369 50.47 4.26 23.85
C PRO B 369 49.71 3.78 25.08
N GLY B 370 48.63 3.04 24.87
CA GLY B 370 47.76 2.74 26.01
C GLY B 370 46.76 1.60 26.00
N ASN B 371 46.53 1.13 27.23
CA ASN B 371 45.28 0.50 27.62
C ASN B 371 44.22 1.59 27.54
N ARG B 372 42.97 1.21 27.32
CA ARG B 372 41.88 2.18 27.26
C ARG B 372 41.83 3.03 28.54
N ASN B 373 41.93 2.37 29.70
CA ASN B 373 41.83 3.03 30.99
C ASN B 373 42.95 4.02 31.30
N LYS B 374 44.19 3.65 30.97
CA LYS B 374 45.35 4.53 31.22
C LYS B 374 45.27 5.85 30.43
N LYS B 375 44.58 5.81 29.29
CA LYS B 375 44.40 7.00 28.46
C LYS B 375 43.43 7.99 29.12
N THR B 376 42.39 7.45 29.77
CA THR B 376 41.41 8.27 30.50
C THR B 376 42.04 8.90 31.75
N GLU B 377 42.88 8.12 32.43
CA GLU B 377 43.56 8.54 33.65
C GLU B 377 44.56 9.63 33.32
N LYS B 378 45.30 9.44 32.22
CA LYS B 378 46.25 10.43 31.76
C LYS B 378 45.53 11.71 31.38
N PHE B 379 44.38 11.56 30.72
CA PHE B 379 43.52 12.67 30.34
C PHE B 379 43.13 13.46 31.59
N GLN B 380 42.76 12.72 32.62
CA GLN B 380 42.34 13.28 33.91
C GLN B 380 43.43 14.01 34.66
N LYS B 381 44.64 13.46 34.67
CA LYS B 381 45.74 14.09 35.38
C LYS B 381 46.14 15.35 34.64
N LEU B 382 46.16 15.27 33.31
CA LEU B 382 46.56 16.40 32.46
C LEU B 382 45.68 17.63 32.69
N LEU B 383 44.37 17.38 32.80
CA LEU B 383 43.37 18.44 33.06
C LEU B 383 43.62 19.11 34.40
N ALA B 384 44.01 18.31 35.40
CA ALA B 384 44.26 18.77 36.76
C ALA B 384 45.59 19.55 36.90
N GLU B 385 46.54 19.29 36.01
CA GLU B 385 47.82 20.00 36.00
C GLU B 385 47.67 21.42 35.44
N GLN B 386 47.02 22.31 36.19
CA GLN B 386 46.90 23.71 35.80
C GLN B 386 48.30 24.31 35.68
N ASP B 387 48.52 25.13 34.65
CA ASP B 387 49.79 25.89 34.49
C ASP B 387 50.92 25.19 33.67
N MET B 388 50.56 24.18 32.89
CA MET B 388 51.47 23.58 31.92
C MET B 388 50.86 23.81 30.55
N PHE B 389 49.78 24.59 30.55
CA PHE B 389 49.14 25.03 29.35
C PHE B 389 48.85 26.51 29.49
N LYS B 390 48.93 27.23 28.38
CA LYS B 390 48.61 28.67 28.31
C LYS B 390 47.27 28.91 29.01
N VAL B 391 46.31 28.03 28.73
CA VAL B 391 45.07 27.99 29.49
C VAL B 391 45.17 26.88 30.56
N ASN B 392 44.68 27.16 31.76
CA ASN B 392 44.53 26.12 32.78
C ASN B 392 43.09 25.62 32.80
N PHE B 393 42.91 24.32 32.62
CA PHE B 393 41.58 23.73 32.37
C PHE B 393 40.73 23.46 33.60
N THR B 394 41.37 23.30 34.76
CA THR B 394 40.62 23.13 36.02
C THR B 394 39.87 24.39 36.40
N ASN B 395 40.39 25.54 35.97
CA ASN B 395 39.64 26.79 36.00
C ASN B 395 40.20 27.87 35.09
N PHE B 396 39.32 28.55 34.35
CA PHE B 396 39.70 29.72 33.57
C PHE B 396 38.57 30.73 33.45
N GLU B 397 38.83 31.84 32.76
CA GLU B 397 37.88 32.93 32.50
C GLU B 397 36.60 32.47 31.82
N PRO B 398 35.43 32.88 32.37
CA PRO B 398 34.18 32.55 31.71
C PRO B 398 34.20 32.84 30.23
N ILE B 399 33.93 31.79 29.46
CA ILE B 399 33.91 31.79 28.00
C ILE B 399 32.56 31.25 27.55
N PRO B 400 31.99 31.83 26.48
CA PRO B 400 30.77 31.28 25.93
C PRO B 400 31.13 30.04 25.16
N PHE B 401 30.43 28.94 25.44
CA PHE B 401 30.69 27.67 24.79
C PHE B 401 30.61 27.82 23.27
N PRO B 402 31.64 27.36 22.53
CA PRO B 402 31.54 27.39 21.08
C PRO B 402 30.32 26.63 20.57
N LEU B 403 30.10 25.44 21.11
CA LEU B 403 28.99 24.59 20.71
C LEU B 403 27.64 25.24 21.01
N ASP B 404 27.45 25.70 22.25
CA ASP B 404 26.26 26.46 22.59
C ASP B 404 26.61 27.83 23.17
N PRO B 405 26.66 28.86 22.31
CA PRO B 405 27.11 30.18 22.70
C PRO B 405 26.36 30.82 23.84
N GLU B 406 25.09 30.49 24.02
CA GLU B 406 24.35 31.14 25.10
C GLU B 406 24.75 30.63 26.48
N ILE B 407 25.49 29.54 26.53
CA ILE B 407 26.01 29.02 27.81
C ILE B 407 27.48 29.41 28.00
N TYR B 408 27.80 30.04 29.14
CA TYR B 408 29.19 30.34 29.51
C TYR B 408 29.78 29.20 30.31
N ILE B 409 31.06 28.93 30.10
CA ILE B 409 31.77 27.93 30.89
C ILE B 409 32.98 28.50 31.59
N THR B 410 33.18 28.10 32.84
CA THR B 410 34.40 28.44 33.56
C THR B 410 35.45 27.35 33.34
N LYS B 411 35.14 26.13 33.77
CA LYS B 411 36.12 25.07 33.86
C LYS B 411 35.57 23.70 33.43
N ILE B 412 36.47 22.71 33.37
CA ILE B 412 36.10 21.30 33.28
C ILE B 412 36.20 20.75 34.69
N VAL B 413 35.54 19.64 34.96
CA VAL B 413 35.83 18.84 36.15
C VAL B 413 36.57 17.60 35.68
N PRO B 414 37.88 17.50 36.00
CA PRO B 414 38.70 16.35 35.63
C PRO B 414 38.11 15.02 36.12
N MET B 415 37.85 14.93 37.43
CA MET B 415 37.40 13.68 38.04
C MET B 415 36.20 13.02 37.35
N ARG B 416 35.32 13.85 36.80
CA ARG B 416 34.09 13.36 36.22
C ARG B 416 34.24 12.93 34.77
N THR B 417 35.25 13.46 34.07
CA THR B 417 35.47 13.10 32.67
C THR B 417 35.66 11.59 32.47
N SER B 418 34.84 11.03 31.57
CA SER B 418 34.94 9.62 31.17
C SER B 418 35.14 9.50 29.66
N LEU B 419 35.66 8.36 29.21
CA LEU B 419 36.00 8.18 27.80
C LEU B 419 35.21 7.08 27.09
N PHE B 420 34.87 7.36 25.82
CA PHE B 420 33.99 6.48 25.04
C PHE B 420 34.64 5.25 24.42
N LYS B 421 33.82 4.21 24.30
CA LYS B 421 34.23 2.88 23.82
C LYS B 421 34.76 2.83 22.38
N SER B 422 34.21 3.69 21.50
CA SER B 422 34.62 3.71 20.09
C SER B 422 36.11 3.96 19.95
N ALA B 423 36.77 3.23 19.04
CA ALA B 423 38.24 3.13 18.95
C ALA B 423 38.96 4.47 18.78
N LEU B 424 38.56 5.24 17.78
CA LEU B 424 38.83 6.66 17.75
C LEU B 424 38.06 7.16 18.97
N MET B 425 38.78 7.61 19.99
CA MET B 425 38.17 7.76 21.31
C MET B 425 37.64 9.14 21.72
N PRO B 426 36.31 9.29 21.69
CA PRO B 426 35.62 10.53 22.04
C PRO B 426 35.64 10.71 23.56
N ALA B 427 35.77 11.94 24.02
CA ALA B 427 35.80 12.20 25.45
C ALA B 427 34.55 12.93 25.88
N LYS B 428 34.01 12.53 27.03
CA LYS B 428 32.95 13.29 27.67
C LYS B 428 33.60 14.06 28.79
N LEU B 429 33.41 15.37 28.80
CA LEU B 429 33.93 16.21 29.87
C LEU B 429 32.74 16.84 30.55
N THR B 430 32.71 16.81 31.88
CA THR B 430 31.70 17.59 32.58
C THR B 430 32.24 19.00 32.64
N PHE B 431 31.33 19.97 32.60
CA PHE B 431 31.73 21.37 32.58
C PHE B 431 31.14 22.16 33.73
N VAL B 432 31.63 23.37 33.91
CA VAL B 432 31.07 24.25 34.90
C VAL B 432 30.65 25.52 34.21
N THR B 433 29.50 26.03 34.62
CA THR B 433 28.92 27.20 33.98
C THR B 433 28.80 28.38 34.92
N SER B 434 28.75 29.58 34.34
CA SER B 434 28.73 30.83 35.09
C SER B 434 27.59 30.94 36.10
N ILE B 435 26.48 30.27 35.83
CA ILE B 435 25.29 30.41 36.66
C ILE B 435 25.01 29.16 37.50
N ALA B 436 24.79 29.38 38.80
CA ALA B 436 24.36 28.34 39.74
C ALA B 436 25.23 27.09 39.63
N HIS B 437 26.44 27.29 39.09
CA HIS B 437 27.39 26.22 38.84
C HIS B 437 26.80 24.99 38.09
N HIS B 438 25.82 25.25 37.23
CA HIS B 438 25.26 24.22 36.37
C HIS B 438 26.37 23.55 35.61
N GLU B 439 26.24 22.24 35.45
CA GLU B 439 27.21 21.49 34.72
C GLU B 439 26.66 21.26 33.32
N TYR B 440 27.53 21.39 32.33
CA TYR B 440 27.17 20.99 30.98
C TYR B 440 28.01 19.77 30.64
N ALA B 441 27.37 18.76 30.09
CA ALA B 441 28.10 17.64 29.53
C ALA B 441 28.17 17.84 28.04
N ALA B 442 29.39 17.71 27.50
CA ALA B 442 29.60 17.73 26.05
C ALA B 442 30.61 16.68 25.69
N ILE B 443 30.88 16.54 24.40
CA ILE B 443 31.87 15.58 23.93
C ILE B 443 32.87 16.27 23.03
N PHE B 444 34.13 15.83 23.10
CA PHE B 444 35.15 16.30 22.17
C PHE B 444 35.74 15.12 21.41
N LYS B 445 35.65 15.19 20.09
CA LYS B 445 36.16 14.14 19.21
C LYS B 445 37.29 14.66 18.33
N HIS B 446 38.43 13.97 18.38
CA HIS B 446 39.68 14.39 17.73
C HIS B 446 39.96 13.84 16.33
N GLY B 447 39.23 12.80 15.92
CA GLY B 447 39.57 12.07 14.70
C GLY B 447 39.22 12.66 13.33
N ASP B 448 37.94 12.97 13.11
CA ASP B 448 37.47 13.19 11.74
C ASP B 448 36.46 14.33 11.51
N ASP B 449 35.84 14.34 10.33
CA ASP B 449 35.05 15.47 9.89
C ASP B 449 33.62 15.42 10.39
N LEU B 450 33.27 16.40 11.19
CA LEU B 450 31.92 16.50 11.74
C LEU B 450 30.97 17.26 10.81
N ARG B 451 31.51 17.93 9.79
CA ARG B 451 30.66 18.68 8.84
C ARG B 451 29.50 17.86 8.30
N GLN B 452 29.77 16.58 8.04
CA GLN B 452 28.70 15.67 7.68
C GLN B 452 27.74 15.48 8.85
N ASP B 453 28.26 15.04 10.00
CA ASP B 453 27.40 14.79 11.15
C ASP B 453 26.53 16.01 11.43
N GLN B 454 27.11 17.20 11.35
CA GLN B 454 26.40 18.42 11.68
C GLN B 454 25.32 18.78 10.67
N LEU B 455 25.60 18.62 9.38
CA LEU B 455 24.54 18.91 8.39
C LEU B 455 23.33 18.03 8.65
N ILE B 456 23.57 16.74 8.93
CA ILE B 456 22.46 15.81 9.16
C ILE B 456 21.67 16.22 10.39
N LEU B 457 22.34 16.75 11.40
CA LEU B 457 21.59 17.23 12.53
C LEU B 457 20.82 18.49 12.22
N GLN B 458 21.42 19.41 11.47
CA GLN B 458 20.66 20.55 11.00
C GLN B 458 19.36 20.09 10.37
N MET B 459 19.47 19.07 9.51
CA MET B 459 18.32 18.52 8.80
C MET B 459 17.27 18.01 9.74
N ILE B 460 17.68 17.19 10.68
CA ILE B 460 16.78 16.68 11.70
C ILE B 460 16.13 17.83 12.48
N THR B 461 16.95 18.81 12.88
CA THR B 461 16.50 19.91 13.74
C THR B 461 15.41 20.61 13.00
N LEU B 462 15.67 20.83 11.72
CA LEU B 462 14.74 21.51 10.86
C LEU B 462 13.44 20.73 10.80
N MET B 463 13.55 19.43 10.51
CA MET B 463 12.37 18.58 10.29
C MET B 463 11.52 18.43 11.55
N ASP B 464 12.16 18.30 12.70
CA ASP B 464 11.43 18.35 13.95
C ASP B 464 10.61 19.66 14.05
N LYS B 465 11.27 20.80 13.80
CA LYS B 465 10.61 22.10 13.89
C LYS B 465 9.44 22.19 12.97
N LEU B 466 9.55 21.60 11.79
CA LEU B 466 8.46 21.61 10.82
C LEU B 466 7.31 20.77 11.32
N LEU B 467 7.62 19.61 11.87
CA LEU B 467 6.59 18.74 12.38
C LEU B 467 5.84 19.45 13.48
N ARG B 468 6.55 19.97 14.48
CA ARG B 468 5.91 20.69 15.59
C ARG B 468 5.11 21.88 15.08
N ARG B 469 5.62 22.54 14.04
CA ARG B 469 4.90 23.61 13.39
C ARG B 469 3.63 23.08 12.73
N GLU B 470 3.70 21.85 12.21
CA GLU B 470 2.52 21.12 11.72
C GLU B 470 1.75 20.53 12.90
N ASN B 471 2.18 20.90 14.11
CA ASN B 471 1.59 20.38 15.32
C ASN B 471 1.79 18.86 15.46
N LEU B 472 3.00 18.40 15.13
CA LEU B 472 3.42 17.01 15.36
C LEU B 472 4.74 16.96 16.09
N ASP B 473 4.74 16.28 17.23
CA ASP B 473 5.97 16.17 17.99
C ASP B 473 6.27 14.71 18.26
N LEU B 474 7.35 14.21 17.68
CA LEU B 474 7.69 12.81 17.81
C LEU B 474 8.87 12.58 18.77
N LYS B 475 9.23 13.61 19.54
CA LYS B 475 10.23 13.46 20.59
C LYS B 475 11.61 13.07 20.04
N LEU B 476 11.92 13.59 18.86
CA LEU B 476 13.26 13.46 18.30
C LEU B 476 14.20 14.28 19.17
N THR B 477 15.44 13.83 19.27
CA THR B 477 16.46 14.55 20.01
C THR B 477 17.58 14.98 19.06
N PRO B 478 17.51 16.24 18.59
CA PRO B 478 18.50 16.76 17.68
C PRO B 478 19.56 17.55 18.44
N TYR B 479 20.57 16.85 18.94
CA TYR B 479 21.63 17.49 19.69
C TYR B 479 22.48 18.39 18.80
N LYS B 480 22.96 19.51 19.34
CA LYS B 480 23.80 20.41 18.54
C LYS B 480 25.09 19.67 18.21
N VAL B 481 25.60 19.89 17.02
CA VAL B 481 26.94 19.42 16.70
C VAL B 481 27.68 20.52 15.99
N LEU B 482 28.89 20.78 16.46
CA LEU B 482 29.79 21.66 15.74
C LEU B 482 31.13 20.97 15.54
N ALA B 483 31.70 21.15 14.36
CA ALA B 483 33.10 20.87 14.14
C ALA B 483 33.82 22.19 14.29
N THR B 484 34.75 22.23 15.25
CA THR B 484 35.69 23.33 15.41
C THR B 484 36.53 23.45 14.15
N SER B 485 37.23 22.35 13.85
CA SER B 485 37.98 22.23 12.63
C SER B 485 37.79 20.80 12.12
N SER B 486 38.18 20.54 10.87
CA SER B 486 38.16 19.16 10.38
C SER B 486 39.04 18.38 11.33
N LYS B 487 38.56 17.22 11.73
CA LYS B 487 39.27 16.36 12.70
C LYS B 487 39.01 16.73 14.18
N HIS B 488 38.10 17.66 14.46
CA HIS B 488 37.61 17.85 15.85
C HIS B 488 36.38 18.73 15.97
N GLY B 489 35.48 18.29 16.84
CA GLY B 489 34.34 19.08 17.20
C GLY B 489 33.77 18.62 18.52
N PHE B 490 32.76 19.35 18.97
CA PHE B 490 32.05 18.96 20.16
C PHE B 490 30.70 18.42 19.75
N LEU B 491 30.20 17.47 20.52
CA LEU B 491 28.85 17.00 20.30
C LEU B 491 28.10 17.08 21.60
N GLN B 492 27.01 17.82 21.61
CA GLN B 492 26.16 17.84 22.77
C GLN B 492 25.92 16.40 23.17
N TYR B 493 25.98 16.15 24.46
CA TYR B 493 25.67 14.85 24.98
C TYR B 493 24.33 14.94 25.67
N VAL B 494 23.49 13.98 25.37
CA VAL B 494 22.23 13.81 26.08
C VAL B 494 22.26 12.41 26.70
N ASP B 495 21.88 12.30 27.97
CA ASP B 495 21.93 11.02 28.67
C ASP B 495 21.24 9.94 27.86
N SER B 496 21.95 8.84 27.65
CA SER B 496 21.47 7.77 26.81
C SER B 496 22.20 6.49 27.12
N CYS B 497 21.56 5.37 26.83
CA CYS B 497 22.24 4.10 26.77
C CYS B 497 22.10 3.54 25.37
N THR B 498 23.22 3.17 24.76
CA THR B 498 23.19 2.48 23.47
C THR B 498 22.37 1.21 23.60
N VAL B 499 21.42 1.00 22.69
CA VAL B 499 20.50 -0.14 22.80
C VAL B 499 21.21 -1.46 23.09
N ALA B 500 22.32 -1.71 22.38
CA ALA B 500 23.09 -2.93 22.60
C ALA B 500 23.46 -3.04 24.09
N GLU B 501 23.90 -1.92 24.66
CA GLU B 501 24.21 -1.82 26.08
C GLU B 501 22.97 -2.03 26.94
N VAL B 502 21.83 -1.46 26.54
CA VAL B 502 20.55 -1.68 27.23
C VAL B 502 20.25 -3.17 27.26
N LEU B 503 20.42 -3.82 26.11
CA LEU B 503 20.15 -5.25 25.93
C LEU B 503 21.13 -6.13 26.70
N ALA B 504 22.40 -5.71 26.71
CA ALA B 504 23.42 -6.40 27.49
C ALA B 504 23.10 -6.26 28.97
N ARG B 505 22.73 -5.04 29.38
CA ARG B 505 22.39 -4.73 30.75
C ARG B 505 21.06 -5.38 31.14
N GLU B 506 20.08 -5.33 30.25
CA GLU B 506 18.79 -6.02 30.41
C GLU B 506 18.41 -6.71 29.12
N GLY B 507 18.20 -8.02 29.18
CA GLY B 507 17.77 -8.80 28.01
C GLY B 507 16.68 -8.13 27.18
N ASN B 508 15.66 -7.61 27.86
CA ASN B 508 14.51 -6.98 27.20
C ASN B 508 14.58 -5.47 27.32
N ILE B 509 14.04 -4.77 26.31
CA ILE B 509 13.90 -3.31 26.36
C ILE B 509 12.85 -2.87 27.37
N HIS B 510 11.79 -3.67 27.48
CA HIS B 510 10.72 -3.38 28.42
C HIS B 510 11.17 -3.47 29.87
N ASN B 511 11.95 -4.51 30.19
CA ASN B 511 12.55 -4.64 31.53
C ASN B 511 13.23 -3.34 31.88
N PHE B 512 13.93 -2.78 30.89
CA PHE B 512 14.64 -1.52 31.04
C PHE B 512 13.70 -0.37 31.42
N PHE B 513 12.66 -0.16 30.62
CA PHE B 513 11.73 0.93 30.87
C PHE B 513 11.06 0.69 32.20
N ARG B 514 10.64 -0.56 32.45
CA ARG B 514 9.98 -0.91 33.70
C ARG B 514 10.87 -0.61 34.92
N LYS B 515 12.19 -0.65 34.72
CA LYS B 515 13.12 -0.28 35.78
C LYS B 515 13.00 1.21 36.12
N HIS B 516 12.84 2.04 35.09
CA HIS B 516 12.80 3.49 35.30
C HIS B 516 11.39 4.03 35.51
N HIS B 517 10.41 3.45 34.81
CA HIS B 517 9.02 3.86 34.95
C HIS B 517 8.13 2.66 35.01
N PRO B 518 7.54 2.42 36.19
CA PRO B 518 6.59 1.35 36.29
C PRO B 518 5.18 1.87 36.48
N CYS B 519 4.24 1.33 35.71
CA CYS B 519 2.84 1.43 36.06
C CYS B 519 2.20 0.06 36.01
N ASP B 520 1.42 -0.24 37.04
CA ASP B 520 0.77 -1.54 37.17
C ASP B 520 -0.23 -1.84 36.06
N ASN B 521 -1.09 -0.87 35.75
CA ASN B 521 -2.02 -1.07 34.65
C ASN B 521 -1.43 -0.58 33.34
N GLY B 522 -0.30 0.13 33.44
CA GLY B 522 0.44 0.64 32.28
C GLY B 522 0.70 -0.45 31.27
N PRO B 523 0.61 -0.11 29.97
CA PRO B 523 0.41 -1.13 28.95
C PRO B 523 1.28 -2.36 29.21
N TYR B 524 2.58 -2.14 29.30
CA TYR B 524 3.53 -3.14 29.77
C TYR B 524 4.02 -2.46 31.01
N GLY B 525 4.69 -3.17 31.91
CA GLY B 525 5.00 -2.59 33.24
C GLY B 525 5.18 -1.07 33.29
N ILE B 526 5.54 -0.47 32.14
CA ILE B 526 5.81 0.97 31.96
C ILE B 526 4.63 1.93 32.05
N SER B 527 4.92 3.16 32.46
CA SER B 527 3.95 4.27 32.37
C SER B 527 3.57 4.46 30.92
N ALA B 528 2.29 4.68 30.69
CA ALA B 528 1.76 4.82 29.33
C ALA B 528 2.53 5.84 28.50
N GLU B 529 2.92 6.95 29.13
CA GLU B 529 3.54 8.04 28.41
C GLU B 529 4.88 7.65 27.84
N VAL B 530 5.69 6.93 28.60
CA VAL B 530 7.00 6.48 28.11
C VAL B 530 6.85 5.61 26.86
N MET B 531 5.90 4.69 26.88
CA MET B 531 5.68 3.84 25.71
C MET B 531 5.30 4.69 24.53
N ASP B 532 4.28 5.53 24.73
CA ASP B 532 3.78 6.38 23.67
C ASP B 532 4.90 7.20 23.07
N THR B 533 5.73 7.82 23.90
CA THR B 533 6.83 8.62 23.39
C THR B 533 7.87 7.76 22.64
N TYR B 534 8.05 6.51 23.06
CA TYR B 534 8.97 5.62 22.34
C TYR B 534 8.49 5.25 20.93
N ILE B 535 7.20 4.94 20.80
CA ILE B 535 6.63 4.64 19.49
C ILE B 535 6.85 5.85 18.57
N LYS B 536 6.58 7.04 19.11
CA LYS B 536 6.65 8.28 18.34
C LYS B 536 8.06 8.52 17.85
N SER B 537 9.04 8.48 18.76
CA SER B 537 10.44 8.66 18.40
C SER B 537 10.86 7.75 17.25
N CYS B 538 10.47 6.48 17.33
CA CYS B 538 10.82 5.51 16.30
C CYS B 538 10.32 6.00 14.96
N ALA B 539 9.03 6.32 14.91
CA ALA B 539 8.37 6.69 13.67
C ALA B 539 9.14 7.80 12.94
N GLY B 540 9.36 8.91 13.64
CA GLY B 540 10.08 10.06 13.09
C GLY B 540 11.42 9.61 12.59
N TYR B 541 12.12 8.84 13.41
CA TYR B 541 13.47 8.44 13.08
C TYR B 541 13.62 7.53 11.89
N CYS B 542 12.68 6.62 11.70
CA CYS B 542 12.73 5.77 10.50
C CYS B 542 12.46 6.62 9.27
N VAL B 543 11.47 7.49 9.38
CA VAL B 543 11.08 8.34 8.28
C VAL B 543 12.26 9.19 7.82
N ILE B 544 12.87 9.93 8.75
CA ILE B 544 14.05 10.78 8.50
C ILE B 544 15.25 10.00 7.95
N THR B 545 15.62 8.93 8.65
CA THR B 545 16.63 8.02 8.18
C THR B 545 16.34 7.69 6.73
N TYR B 546 15.08 7.32 6.42
CA TYR B 546 14.70 7.00 5.06
C TYR B 546 14.97 8.16 4.10
N LEU B 547 14.46 9.34 4.42
CA LEU B 547 14.61 10.51 3.55
C LEU B 547 16.07 10.83 3.44
N LEU B 548 16.83 10.53 4.47
CA LEU B 548 18.24 10.86 4.43
C LEU B 548 19.12 9.72 3.94
N GLY B 549 18.54 8.53 3.74
CA GLY B 549 19.31 7.34 3.32
C GLY B 549 20.53 7.16 4.23
N VAL B 550 20.30 7.41 5.52
CA VAL B 550 21.28 7.16 6.54
C VAL B 550 21.62 5.68 6.54
N GLY B 551 22.91 5.35 6.58
CA GLY B 551 23.32 3.96 6.51
C GLY B 551 24.11 3.53 7.73
N ASP B 552 24.40 2.23 7.80
CA ASP B 552 25.32 1.67 8.80
C ASP B 552 24.66 1.47 10.17
N ARG B 553 23.38 1.78 10.28
CA ARG B 553 22.70 1.69 11.57
C ARG B 553 22.80 0.30 12.19
N HIS B 554 23.04 0.27 13.51
CA HIS B 554 23.16 -0.96 14.26
C HIS B 554 22.97 -0.64 15.72
N LEU B 555 22.93 -1.66 16.55
CA LEU B 555 22.51 -1.49 17.94
C LEU B 555 23.39 -0.57 18.82
N ASP B 556 24.61 -0.30 18.36
CA ASP B 556 25.52 0.64 19.03
C ASP B 556 25.18 2.09 18.65
N ASN B 557 24.56 2.22 17.47
CA ASN B 557 24.14 3.49 16.87
C ASN B 557 22.82 4.05 17.36
N LEU B 558 21.90 3.19 17.79
CA LEU B 558 20.64 3.70 18.25
C LEU B 558 20.76 3.86 19.75
N LEU B 559 20.31 5.00 20.28
CA LEU B 559 20.40 5.25 21.72
C LEU B 559 19.04 5.28 22.38
N LEU B 560 19.01 4.92 23.65
CA LEU B 560 17.77 5.07 24.36
C LEU B 560 17.92 5.88 25.64
N THR B 561 16.89 6.66 25.92
CA THR B 561 16.82 7.40 27.18
C THR B 561 15.83 6.76 28.14
N THR B 562 15.94 7.15 29.41
CA THR B 562 15.05 6.69 30.48
C THR B 562 13.62 7.11 30.20
N ASN B 563 13.45 8.23 29.50
CA ASN B 563 12.16 8.70 29.01
C ASN B 563 11.55 7.83 27.91
N GLY B 564 12.39 7.21 27.11
CA GLY B 564 11.87 6.44 26.00
C GLY B 564 12.12 7.04 24.64
N LYS B 565 12.60 8.27 24.59
CA LYS B 565 12.93 8.83 23.30
C LYS B 565 13.92 7.83 22.71
N LEU B 566 13.82 7.58 21.41
CA LEU B 566 14.89 6.87 20.72
C LEU B 566 15.56 7.84 19.78
N PHE B 567 16.88 7.80 19.70
CA PHE B 567 17.58 8.60 18.70
C PHE B 567 18.71 7.89 18.00
N HIS B 568 19.21 8.50 16.92
CA HIS B 568 20.36 7.95 16.21
C HIS B 568 21.59 8.79 16.49
N ILE B 569 22.75 8.13 16.48
CA ILE B 569 23.98 8.74 16.95
C ILE B 569 25.03 9.01 15.88
N ASP B 570 25.29 8.06 15.00
CA ASP B 570 26.48 8.22 14.16
C ASP B 570 26.23 8.24 12.68
N PHE B 571 26.81 9.22 12.01
CA PHE B 571 26.32 9.53 10.67
C PHE B 571 27.34 9.43 9.56
N GLY B 572 28.23 8.46 9.69
CA GLY B 572 29.24 8.20 8.68
C GLY B 572 28.67 7.92 7.31
N TYR B 573 27.53 7.25 7.26
CA TYR B 573 26.95 6.85 5.99
C TYR B 573 25.58 7.48 5.71
N ILE B 574 25.51 8.20 4.58
CA ILE B 574 24.44 9.12 4.20
C ILE B 574 24.02 8.88 2.74
N LEU B 575 22.78 9.20 2.40
CA LEU B 575 22.30 9.09 1.01
C LEU B 575 22.48 7.70 0.42
N GLY B 576 22.20 6.69 1.25
CA GLY B 576 22.24 5.31 0.83
C GLY B 576 23.59 4.63 0.92
N ARG B 577 24.65 5.41 1.12
CA ARG B 577 25.98 4.83 1.31
C ARG B 577 25.91 3.88 2.49
N ASP B 578 26.51 2.70 2.31
CA ASP B 578 26.56 1.73 3.37
C ASP B 578 27.77 0.87 3.08
N PRO B 579 28.48 0.44 4.13
CA PRO B 579 29.53 -0.54 3.96
C PRO B 579 28.95 -1.91 3.58
N LYS B 580 27.85 -2.29 4.23
CA LYS B 580 27.18 -3.55 3.92
C LYS B 580 26.53 -3.49 2.54
N PRO B 581 26.21 -4.66 1.95
CA PRO B 581 25.87 -4.70 0.54
C PRO B 581 24.46 -4.16 0.28
N MET B 582 23.50 -4.61 1.08
CA MET B 582 22.12 -4.22 0.92
C MET B 582 21.51 -3.70 2.20
N PRO B 583 21.41 -2.38 2.31
CA PRO B 583 20.53 -1.84 3.31
C PRO B 583 19.11 -2.41 3.19
N PRO B 584 18.45 -2.70 4.33
CA PRO B 584 17.01 -2.65 4.41
C PRO B 584 16.58 -1.23 4.05
N PRO B 585 15.40 -1.07 3.44
CA PRO B 585 15.02 0.27 3.07
C PRO B 585 14.84 1.10 4.32
N MET B 586 14.18 0.51 5.32
CA MET B 586 13.95 1.13 6.61
C MET B 586 14.78 0.38 7.63
N LYS B 587 15.32 1.09 8.62
CA LYS B 587 16.25 0.47 9.59
C LYS B 587 15.62 0.10 10.94
N LEU B 588 15.24 -1.17 11.09
CA LEU B 588 14.54 -1.68 12.28
C LEU B 588 15.17 -2.88 12.96
N SER B 589 15.17 -2.87 14.30
CA SER B 589 15.76 -3.96 15.07
C SER B 589 14.69 -4.88 15.55
N LYS B 590 14.98 -6.17 15.50
CA LYS B 590 14.07 -7.17 16.01
C LYS B 590 13.64 -6.74 17.40
N GLU B 591 14.63 -6.27 18.17
CA GLU B 591 14.45 -5.90 19.57
C GLU B 591 13.50 -4.73 19.70
N MET B 592 13.65 -3.72 18.83
CA MET B 592 12.77 -2.55 18.81
C MET B 592 11.34 -2.95 18.51
N VAL B 593 11.18 -3.86 17.55
CA VAL B 593 9.85 -4.28 17.11
C VAL B 593 9.17 -5.10 18.21
N GLU B 594 9.95 -5.95 18.87
CA GLU B 594 9.43 -6.74 19.99
C GLU B 594 9.06 -5.79 21.11
N ALA B 595 9.79 -4.66 21.13
CA ALA B 595 9.58 -3.57 22.10
C ALA B 595 8.31 -2.77 21.86
N MET B 596 7.78 -2.84 20.64
CA MET B 596 6.47 -2.25 20.33
C MET B 596 5.35 -3.24 20.61
N GLY B 597 5.71 -4.46 21.02
CA GLY B 597 4.75 -5.53 21.27
C GLY B 597 4.55 -6.43 20.07
N GLY B 598 5.44 -6.31 19.10
CA GLY B 598 5.36 -7.13 17.88
C GLY B 598 4.39 -6.62 16.84
N ILE B 599 4.47 -7.16 15.64
CA ILE B 599 3.57 -6.80 14.54
C ILE B 599 2.09 -6.88 14.98
N SER B 600 1.78 -7.94 15.72
CA SER B 600 0.44 -8.14 16.27
C SER B 600 0.33 -7.37 17.58
N SER B 601 0.21 -6.04 17.47
CA SER B 601 0.13 -5.17 18.66
C SER B 601 -0.62 -3.91 18.34
N GLU B 602 -1.25 -3.36 19.37
CA GLU B 602 -1.99 -2.11 19.26
C GLU B 602 -1.02 -0.97 19.01
N HIS B 603 -0.01 -0.89 19.85
CA HIS B 603 1.06 0.09 19.72
C HIS B 603 1.75 0.04 18.37
N HIS B 604 2.09 -1.16 17.93
CA HIS B 604 2.81 -1.33 16.67
C HIS B 604 2.07 -0.65 15.53
N HIS B 605 0.75 -0.77 15.55
CA HIS B 605 -0.10 -0.13 14.58
C HIS B 605 0.01 1.40 14.69
N GLU B 606 -0.08 1.92 15.92
CA GLU B 606 0.05 3.36 16.16
C GLU B 606 1.36 3.88 15.60
N PHE B 607 2.42 3.10 15.79
CA PHE B 607 3.72 3.44 15.25
C PHE B 607 3.64 3.59 13.75
N ARG B 608 3.18 2.54 13.08
CA ARG B 608 3.05 2.57 11.63
C ARG B 608 2.29 3.82 11.24
N LYS B 609 1.12 4.01 11.87
CA LYS B 609 0.28 5.16 11.60
C LYS B 609 1.12 6.44 11.62
N GLN B 610 1.95 6.61 12.64
CA GLN B 610 2.76 7.81 12.81
C GLN B 610 3.75 8.07 11.67
N CYS B 611 4.40 7.00 11.20
CA CYS B 611 5.33 7.15 10.10
C CYS B 611 4.62 7.75 8.92
N TYR B 612 3.50 7.15 8.53
CA TYR B 612 2.82 7.57 7.31
C TYR B 612 2.59 9.06 7.35
N THR B 613 1.95 9.54 8.42
CA THR B 613 1.56 10.93 8.54
C THR B 613 2.78 11.84 8.55
N ALA B 614 3.84 11.43 9.26
CA ALA B 614 5.09 12.16 9.26
C ALA B 614 5.60 12.32 7.83
N TYR B 615 5.58 11.22 7.07
CA TYR B 615 5.92 11.21 5.66
C TYR B 615 5.12 12.25 4.88
N LEU B 616 3.81 12.26 5.05
CA LEU B 616 2.94 13.15 4.31
C LEU B 616 3.29 14.59 4.60
N HIS B 617 3.49 14.92 5.87
CA HIS B 617 3.79 16.28 6.26
C HIS B 617 5.15 16.72 5.75
N LEU B 618 6.17 15.89 5.98
CA LEU B 618 7.49 16.24 5.53
C LEU B 618 7.50 16.53 4.04
N ARG B 619 6.72 15.76 3.29
CA ARG B 619 6.60 16.00 1.86
C ARG B 619 6.11 17.40 1.55
N ARG B 620 5.16 17.92 2.32
CA ARG B 620 4.55 19.23 2.02
C ARG B 620 5.63 20.32 1.96
N HIS B 621 6.52 20.30 2.94
CA HIS B 621 7.64 21.21 2.96
C HIS B 621 8.80 20.51 2.33
N ALA B 622 8.61 20.03 1.11
CA ALA B 622 9.70 19.44 0.39
C ALA B 622 10.69 20.56 0.16
N ASN B 623 10.13 21.70 -0.20
CA ASN B 623 10.86 22.75 -0.88
C ASN B 623 12.09 23.24 -0.11
N VAL B 624 11.94 23.47 1.19
CA VAL B 624 13.05 23.96 2.02
C VAL B 624 14.24 23.00 1.97
N MET B 625 14.00 21.73 2.25
CA MET B 625 15.08 20.76 2.34
C MET B 625 15.84 20.69 1.04
N LEU B 626 15.12 20.70 -0.07
CA LEU B 626 15.77 20.57 -1.36
C LEU B 626 16.68 21.77 -1.60
N ASN B 627 16.14 22.97 -1.37
CA ASN B 627 16.93 24.20 -1.45
C ASN B 627 18.20 24.12 -0.62
N LEU B 628 18.10 23.62 0.61
CA LEU B 628 19.26 23.50 1.49
C LEU B 628 20.29 22.57 0.88
N PHE B 629 19.82 21.46 0.33
CA PHE B 629 20.70 20.47 -0.25
C PHE B 629 21.33 20.95 -1.55
N SER B 630 20.60 21.79 -2.28
CA SER B 630 21.12 22.37 -3.52
C SER B 630 22.34 23.20 -3.17
N LEU B 631 22.24 23.92 -2.05
CA LEU B 631 23.30 24.77 -1.59
C LEU B 631 24.44 23.98 -0.93
N MET B 632 24.13 22.78 -0.48
CA MET B 632 25.12 21.90 0.13
C MET B 632 25.84 20.97 -0.85
N VAL B 633 25.78 21.28 -2.14
CA VAL B 633 26.44 20.45 -3.16
C VAL B 633 27.96 20.45 -2.99
N ASP B 634 28.52 21.63 -2.74
CA ASP B 634 29.97 21.77 -2.71
C ASP B 634 30.47 21.76 -1.27
N ALA B 635 29.69 21.09 -0.42
CA ALA B 635 29.86 21.15 1.04
C ALA B 635 31.21 20.70 1.54
N THR B 636 31.62 19.49 1.13
CA THR B 636 32.80 18.81 1.68
C THR B 636 32.34 17.74 2.67
N VAL B 637 31.04 17.47 2.66
CA VAL B 637 30.53 16.23 3.23
C VAL B 637 30.96 15.16 2.23
N PRO B 638 31.59 14.07 2.72
CA PRO B 638 32.11 13.03 1.82
C PRO B 638 31.05 12.39 0.92
N ASP B 639 29.90 12.03 1.53
CA ASP B 639 28.82 11.33 0.83
C ASP B 639 28.18 12.16 -0.28
N ILE B 640 28.16 13.47 -0.11
CA ILE B 640 27.77 14.38 -1.18
C ILE B 640 28.85 14.41 -2.25
N ALA B 641 30.12 14.46 -1.82
CA ALA B 641 31.26 14.62 -2.72
C ALA B 641 31.45 13.50 -3.76
N LEU B 642 30.98 12.28 -3.48
CA LEU B 642 31.18 11.15 -4.40
C LEU B 642 30.37 11.26 -5.70
N GLU B 643 29.08 11.54 -5.56
CA GLU B 643 28.20 11.83 -6.70
C GLU B 643 27.38 13.11 -6.46
N PRO B 644 28.07 14.28 -6.38
CA PRO B 644 27.47 15.55 -6.00
C PRO B 644 26.28 15.97 -6.84
N ASP B 645 26.48 16.13 -8.14
CA ASP B 645 25.38 16.50 -9.04
C ASP B 645 24.13 15.69 -8.68
N LYS B 646 24.31 14.39 -8.54
CA LYS B 646 23.23 13.43 -8.26
C LYS B 646 22.62 13.47 -6.85
N ALA B 647 23.39 13.88 -5.84
CA ALA B 647 23.00 13.80 -4.42
C ALA B 647 21.55 14.24 -4.11
N VAL B 648 21.21 15.46 -4.54
CA VAL B 648 19.89 16.06 -4.31
C VAL B 648 18.77 15.21 -4.90
N LYS B 649 19.02 14.63 -6.07
CA LYS B 649 18.02 13.77 -6.70
C LYS B 649 17.72 12.58 -5.79
N LYS B 650 18.77 12.02 -5.15
CA LYS B 650 18.62 10.90 -4.22
C LYS B 650 17.70 11.21 -3.04
N VAL B 651 17.82 12.42 -2.48
CA VAL B 651 16.94 12.82 -1.39
C VAL B 651 15.51 12.94 -1.92
N GLU B 652 15.37 13.50 -3.11
CA GLU B 652 14.06 13.71 -3.71
C GLU B 652 13.38 12.38 -4.08
N GLU B 653 14.19 11.38 -4.43
CA GLU B 653 13.68 10.05 -4.74
C GLU B 653 13.03 9.42 -3.53
N ASN B 654 13.58 9.68 -2.33
CA ASN B 654 12.97 9.19 -1.10
C ASN B 654 11.68 9.92 -0.83
N LEU B 655 11.53 11.09 -1.45
CA LEU B 655 10.37 11.91 -1.19
C LEU B 655 9.18 11.46 -1.99
N GLN B 656 9.44 10.82 -3.14
CA GLN B 656 8.37 10.21 -3.96
C GLN B 656 7.28 11.24 -4.22
N LEU B 657 7.74 12.46 -4.51
CA LEU B 657 6.86 13.61 -4.64
C LEU B 657 5.86 13.45 -5.76
N GLY B 658 6.23 12.64 -6.76
CA GLY B 658 5.34 12.28 -7.85
C GLY B 658 4.06 11.61 -7.40
N LEU B 659 4.13 10.80 -6.34
CA LEU B 659 2.95 10.07 -5.89
C LEU B 659 1.92 11.00 -5.25
N THR B 660 0.66 10.77 -5.58
CA THR B 660 -0.43 11.27 -4.75
C THR B 660 -0.29 10.69 -3.34
N ASP B 661 -1.01 11.26 -2.40
CA ASP B 661 -0.83 10.94 -0.99
C ASP B 661 -1.19 9.49 -0.67
N GLU B 662 -2.34 9.00 -1.12
CA GLU B 662 -2.67 7.58 -0.85
C GLU B 662 -1.55 6.70 -1.36
N GLU B 663 -1.06 6.98 -2.57
CA GLU B 663 0.06 6.24 -3.15
C GLU B 663 1.30 6.28 -2.28
N ALA B 664 1.65 7.47 -1.78
CA ALA B 664 2.83 7.64 -0.94
C ALA B 664 2.75 6.73 0.26
N VAL B 665 1.65 6.82 0.99
CA VAL B 665 1.44 6.01 2.19
C VAL B 665 1.65 4.53 1.86
N GLN B 666 1.01 4.06 0.79
CA GLN B 666 1.09 2.67 0.37
C GLN B 666 2.55 2.29 0.16
N HIS B 667 3.25 3.16 -0.53
CA HIS B 667 4.64 2.92 -0.88
C HIS B 667 5.46 2.76 0.38
N LEU B 668 5.24 3.64 1.35
CA LEU B 668 6.00 3.59 2.59
C LEU B 668 5.61 2.34 3.36
N GLN B 669 4.32 2.00 3.28
CA GLN B 669 3.78 0.75 3.84
C GLN B 669 4.63 -0.41 3.37
N SER B 670 4.95 -0.40 2.08
CA SER B 670 5.81 -1.41 1.47
C SER B 670 7.15 -1.58 2.20
N LEU B 671 7.84 -0.46 2.42
CA LEU B 671 9.21 -0.50 2.93
C LEU B 671 9.20 -1.00 4.35
N LEU B 672 8.23 -0.54 5.12
CA LEU B 672 8.07 -1.04 6.46
C LEU B 672 7.89 -2.55 6.41
N ASP B 673 6.94 -3.02 5.58
CA ASP B 673 6.61 -4.44 5.50
C ASP B 673 7.84 -5.30 5.28
N VAL B 674 8.61 -4.96 4.24
CA VAL B 674 9.81 -5.72 3.91
C VAL B 674 10.82 -5.70 5.06
N SER B 675 11.05 -4.53 5.61
CA SER B 675 12.05 -4.42 6.66
C SER B 675 11.61 -5.29 7.81
N ILE B 676 10.37 -5.12 8.25
CA ILE B 676 9.83 -5.84 9.40
C ILE B 676 9.77 -7.37 9.21
N THR B 677 9.30 -7.84 8.06
CA THR B 677 9.35 -9.27 7.77
C THR B 677 10.78 -9.79 7.85
N ALA B 678 11.73 -8.97 7.37
CA ALA B 678 13.14 -9.34 7.33
C ALA B 678 13.66 -9.57 8.74
N VAL B 679 13.24 -8.70 9.65
CA VAL B 679 13.72 -8.73 11.02
C VAL B 679 13.08 -9.87 11.82
N MET B 680 11.76 -10.01 11.70
CA MET B 680 11.02 -11.01 12.49
C MET B 680 11.34 -12.45 12.06
N PRO B 681 11.44 -13.37 13.05
CA PRO B 681 11.88 -14.71 12.75
C PRO B 681 10.72 -15.56 12.21
N ALA B 682 9.50 -15.18 12.61
CA ALA B 682 8.29 -15.94 12.27
C ALA B 682 7.67 -15.49 10.96
N LEU B 683 7.82 -14.20 10.62
CA LEU B 683 7.29 -13.71 9.37
C LEU B 683 8.09 -14.27 8.22
N VAL B 684 9.38 -14.54 8.47
CA VAL B 684 10.25 -15.16 7.48
C VAL B 684 9.86 -16.63 7.26
N GLU B 685 9.56 -17.33 8.37
CA GLU B 685 9.18 -18.73 8.36
C GLU B 685 7.90 -18.90 7.57
N GLN B 686 7.03 -17.91 7.70
CA GLN B 686 5.76 -17.91 6.99
C GLN B 686 5.94 -17.73 5.48
N ILE B 687 6.87 -16.87 5.09
CA ILE B 687 7.11 -16.62 3.67
C ILE B 687 7.64 -17.87 3.05
N HIS B 688 8.44 -18.59 3.85
CA HIS B 688 9.06 -19.84 3.45
C HIS B 688 7.99 -20.87 3.12
N ARG B 689 7.01 -21.06 4.01
CA ARG B 689 5.87 -21.95 3.77
C ARG B 689 5.04 -21.54 2.55
N PHE B 690 4.97 -20.24 2.29
CA PHE B 690 4.25 -19.73 1.13
C PHE B 690 5.04 -20.04 -0.13
N THR B 691 6.36 -19.88 -0.03
CA THR B 691 7.29 -20.21 -1.12
C THR B 691 7.06 -21.67 -1.51
N GLN B 692 6.96 -22.51 -0.48
CA GLN B 692 6.76 -23.93 -0.59
C GLN B 692 5.57 -24.21 -1.49
N TYR B 693 4.42 -23.66 -1.11
CA TYR B 693 3.15 -23.85 -1.81
C TYR B 693 3.24 -24.26 -3.28
N TRP B 694 3.86 -23.42 -4.11
CA TRP B 694 3.84 -23.67 -5.56
C TRP B 694 4.75 -24.81 -6.02
N ARG B 695 5.74 -25.12 -5.20
CA ARG B 695 6.60 -26.24 -5.45
C ARG B 695 5.91 -27.51 -4.94
N LYS B 696 5.60 -28.42 -5.86
CA LYS B 696 5.07 -29.76 -5.51
C LYS B 696 5.31 -30.75 -6.65
S SO4 C . -6.84 -33.78 -11.26
O1 SO4 C . -6.99 -34.90 -12.20
O2 SO4 C . -8.12 -33.57 -10.59
O3 SO4 C . -6.44 -32.55 -11.96
O4 SO4 C . -5.79 -34.12 -10.29
S SO4 D . -9.71 -30.98 -30.90
O1 SO4 D . -9.23 -31.59 -32.16
O2 SO4 D . -9.75 -32.01 -29.85
O3 SO4 D . -11.06 -30.43 -31.10
O4 SO4 D . -8.74 -29.92 -30.54
N01 X6K E . -6.86 -30.17 -19.07
C02 X6K E . -6.04 -30.98 -18.39
C03 X6K E . -6.39 -31.44 -17.10
C04 X6K E . -7.59 -31.03 -16.54
C05 X6K E . -8.44 -30.18 -17.24
C06 X6K E . -8.11 -29.74 -18.48
O07 X6K E . -9.17 -28.88 -18.96
C08 X6K E . -10.20 -28.80 -17.95
C09 X6K E . -9.80 -29.57 -16.90
N10 X6K E . -10.55 -29.68 -15.83
C11 X6K E . -11.44 -28.12 -17.89
N12 X6K E . -11.94 -27.26 -18.96
C13 X6K E . -11.08 -27.33 -20.16
C14 X6K E . -10.87 -25.95 -20.79
O15 X6K E . -12.07 -25.16 -20.85
C16 X6K E . -12.80 -25.03 -19.61
C17 X6K E . -13.12 -26.39 -18.98
N18 X6K E . -12.20 -28.23 -16.79
C19 X6K E . -11.82 -28.98 -15.78
C20 X6K E . -12.66 -29.09 -14.53
C21 X6K E . -13.62 -28.16 -14.26
C22 X6K E . -14.38 -28.24 -13.08
C23 X6K E . -14.10 -29.30 -12.14
C24 X6K E . -13.07 -30.24 -12.40
O25 X6K E . -12.77 -31.28 -11.49
C26 X6K E . -12.35 -30.16 -13.54
N01 X6K F . 27.80 5.47 23.86
C02 X6K F . 28.57 4.38 23.62
C03 X6K F . 29.42 4.35 22.50
C04 X6K F . 29.49 5.42 21.63
C05 X6K F . 28.70 6.55 21.87
C06 X6K F . 27.88 6.59 22.95
O07 X6K F . 27.20 7.87 22.94
C08 X6K F . 27.65 8.62 21.79
C09 X6K F . 28.56 7.85 21.13
N10 X6K F . 29.14 8.30 20.04
C11 X6K F . 27.33 9.90 21.28
N12 X6K F . 26.37 10.77 21.93
C13 X6K F . 26.02 10.19 23.23
C14 X6K F . 24.64 10.58 23.71
O15 X6K F . 24.41 11.98 23.51
C16 X6K F . 24.45 12.37 22.13
C17 X6K F . 25.79 12.02 21.44
N18 X6K F . 27.93 10.36 20.17
C19 X6K F . 28.83 9.62 19.55
C20 X6K F . 29.47 10.05 18.25
C21 X6K F . 28.74 10.85 17.40
C22 X6K F . 29.28 11.19 16.13
C23 X6K F . 30.57 10.64 15.73
C24 X6K F . 31.27 9.76 16.60
O25 X6K F . 32.50 9.21 16.25
C26 X6K F . 30.75 9.44 17.81
S SO4 G . 28.96 10.45 35.38
O1 SO4 G . 27.80 9.60 35.66
O2 SO4 G . 28.87 11.67 36.14
O3 SO4 G . 29.00 10.76 33.96
O4 SO4 G . 30.19 9.74 35.73
#